data_7CMC
#
_entry.id   7CMC
#
_cell.length_a   87.280
_cell.length_b   89.906
_cell.length_c   164.829
_cell.angle_alpha   90.000
_cell.angle_beta   90.000
_cell.angle_gamma   90.000
#
_symmetry.space_group_name_H-M   'P 21 21 21'
#
loop_
_entity.id
_entity.type
_entity.pdbx_description
1 polymer 'Probable deoxyhypusine synthase'
2 non-polymer NICOTINAMIDE-ADENINE-DINUCLEOTIDE
3 water water
#
_entity_poly.entity_id   1
_entity_poly.type   'polypeptide(L)'
_entity_poly.pdbx_seq_one_letter_code
;MKAKDIVLKKSEKIEGVEVKGPWLDDAQSLEEVVSYYYRIGFQATHLGRAIEIWRKVEEKRERGEEIRVFLGYTSNIISS
GLREIIAWLVKEKKVDVIVTTAGGVEEDFIKSLKPFILGDWEVDDAELRKKGVNRIGNIFVPNDRYIEFEKYMIPFFERV
LKIEEKLSRPLTASEFIYEMGRYMDEKLGKEKEKSVIYWAYKNNIPIFCPAITDGSIGDMLYFFKEERRDSRLIIDIAND
IVKLNNLAITAKETASIILGGSLPKHAIINANLFRGGTDYAIYISTAVPWDGSLSGAPPREGVSWGKIKAKADYVEVWGD
ATLIFPILVWMVMKARGQGYAQ
;
_entity_poly.pdbx_strand_id   A,B,C,D
#
loop_
_chem_comp.id
_chem_comp.type
_chem_comp.name
_chem_comp.formula
NAD non-polymer NICOTINAMIDE-ADENINE-DINUCLEOTIDE 'C21 H27 N7 O14 P2'
#
# COMPACT_ATOMS: atom_id res chain seq x y z
N GLU A 15 -0.29 -31.29 10.57
CA GLU A 15 -1.45 -30.88 11.35
C GLU A 15 -1.25 -29.51 11.98
N GLY A 16 -2.30 -29.01 12.62
CA GLY A 16 -2.31 -27.67 13.17
C GLY A 16 -3.74 -27.17 13.27
N VAL A 17 -3.87 -25.86 13.43
CA VAL A 17 -5.20 -25.27 13.54
C VAL A 17 -5.87 -25.29 12.17
N GLU A 18 -7.07 -25.85 12.10
CA GLU A 18 -7.82 -25.88 10.85
C GLU A 18 -8.36 -24.49 10.55
N VAL A 19 -8.15 -24.02 9.32
CA VAL A 19 -8.69 -22.73 8.90
C VAL A 19 -10.21 -22.87 8.79
N LYS A 20 -10.93 -21.95 9.42
CA LYS A 20 -12.35 -22.18 9.58
C LYS A 20 -13.01 -20.86 9.95
N GLY A 21 -14.03 -20.42 9.22
CA GLY A 21 -14.80 -19.27 9.64
C GLY A 21 -16.05 -19.70 10.37
N PRO A 22 -16.72 -18.76 11.05
CA PRO A 22 -17.96 -19.13 11.76
C PRO A 22 -19.07 -19.51 10.79
N TRP A 23 -19.92 -20.43 11.24
CA TRP A 23 -21.15 -20.77 10.53
C TRP A 23 -22.28 -19.92 11.10
N LEU A 24 -22.85 -19.04 10.28
CA LEU A 24 -23.78 -18.04 10.78
C LEU A 24 -25.14 -18.61 11.18
N ASP A 25 -25.44 -19.87 10.86
CA ASP A 25 -26.61 -20.49 11.45
C ASP A 25 -26.39 -20.81 12.93
N ASP A 26 -25.13 -20.84 13.39
CA ASP A 26 -24.81 -21.20 14.75
C ASP A 26 -24.26 -20.05 15.58
N ALA A 27 -23.54 -19.11 14.98
CA ALA A 27 -22.96 -18.02 15.73
C ALA A 27 -24.05 -17.16 16.34
N GLN A 28 -23.92 -16.85 17.63
CA GLN A 28 -24.97 -16.15 18.37
C GLN A 28 -24.69 -14.67 18.55
N SER A 29 -23.45 -14.23 18.35
CA SER A 29 -23.10 -12.84 18.61
C SER A 29 -21.90 -12.46 17.74
N LEU A 30 -21.70 -11.16 17.60
CA LEU A 30 -20.54 -10.66 16.86
C LEU A 30 -19.25 -11.07 17.56
N GLU A 31 -19.25 -11.06 18.90
CA GLU A 31 -18.07 -11.47 19.65
C GLU A 31 -17.72 -12.92 19.37
N GLU A 32 -18.74 -13.78 19.25
CA GLU A 32 -18.50 -15.15 18.82
C GLU A 32 -17.92 -15.20 17.41
N VAL A 33 -18.42 -14.35 16.51
CA VAL A 33 -17.85 -14.28 15.16
C VAL A 33 -16.37 -13.91 15.24
N VAL A 34 -16.05 -12.90 16.05
CA VAL A 34 -14.68 -12.41 16.13
C VAL A 34 -13.78 -13.41 16.85
N SER A 35 -14.35 -14.27 17.70
CA SER A 35 -13.52 -15.28 18.34
C SER A 35 -12.97 -16.30 17.35
N TYR A 36 -13.49 -16.34 16.12
CA TYR A 36 -12.94 -17.18 15.07
C TYR A 36 -11.78 -16.52 14.34
N TYR A 37 -11.49 -15.24 14.60
CA TYR A 37 -10.56 -14.52 13.74
C TYR A 37 -9.19 -15.19 13.72
N TYR A 38 -8.76 -15.75 14.85
CA TYR A 38 -7.43 -16.36 14.90
C TYR A 38 -7.29 -17.51 13.89
N ARG A 39 -8.38 -18.22 13.58
CA ARG A 39 -8.32 -19.33 12.64
C ARG A 39 -8.95 -19.00 11.28
N ILE A 40 -9.11 -17.72 10.98
CA ILE A 40 -9.67 -17.29 9.67
C ILE A 40 -8.52 -17.08 8.67
N GLY A 41 -7.34 -16.74 9.14
CA GLY A 41 -6.19 -16.49 8.25
C GLY A 41 -6.04 -15.03 7.90
N PHE A 42 -4.91 -14.72 7.30
CA PHE A 42 -4.50 -13.36 6.86
C PHE A 42 -4.50 -12.40 8.06
N GLN A 43 -4.93 -11.16 7.84
CA GLN A 43 -4.91 -10.15 8.92
C GLN A 43 -5.88 -10.54 10.04
N ALA A 44 -6.92 -11.26 9.73
CA ALA A 44 -7.84 -11.67 10.81
C ALA A 44 -7.12 -12.53 11.84
N THR A 45 -6.23 -13.43 11.40
CA THR A 45 -5.43 -14.19 12.34
C THR A 45 -4.55 -13.28 13.20
N HIS A 46 -4.02 -12.21 12.62
CA HIS A 46 -3.17 -11.30 13.39
C HIS A 46 -3.98 -10.56 14.45
N LEU A 47 -5.20 -10.15 14.11
CA LEU A 47 -6.06 -9.53 15.13
C LEU A 47 -6.41 -10.53 16.22
N GLY A 48 -6.66 -11.79 15.86
CA GLY A 48 -6.86 -12.80 16.88
C GLY A 48 -5.66 -12.93 17.82
N ARG A 49 -4.46 -12.91 17.25
CA ARG A 49 -3.26 -12.97 18.08
C ARG A 49 -3.10 -11.70 18.92
N ALA A 50 -3.42 -10.53 18.35
CA ALA A 50 -3.36 -9.29 19.14
C ALA A 50 -4.29 -9.35 20.33
N ILE A 51 -5.49 -9.88 20.13
CA ILE A 51 -6.44 -10.07 21.23
C ILE A 51 -5.86 -10.98 22.30
N GLU A 52 -5.24 -12.09 21.88
CA GLU A 52 -4.64 -13.01 22.85
C GLU A 52 -3.51 -12.33 23.61
N ILE A 53 -2.66 -11.57 22.91
CA ILE A 53 -1.51 -10.95 23.56
C ILE A 53 -1.97 -9.93 24.59
N TRP A 54 -2.87 -9.02 24.21
CA TRP A 54 -3.31 -7.99 25.15
C TRP A 54 -4.14 -8.58 26.28
N ARG A 55 -4.91 -9.64 26.01
CA ARG A 55 -5.60 -10.33 27.10
C ARG A 55 -4.60 -10.85 28.13
N LYS A 56 -3.50 -11.42 27.63
CA LYS A 56 -2.44 -11.91 28.51
C LYS A 56 -1.85 -10.78 29.35
N VAL A 57 -1.51 -9.67 28.70
CA VAL A 57 -0.92 -8.54 29.43
C VAL A 57 -1.91 -8.01 30.45
N GLU A 58 -3.18 -7.86 30.06
CA GLU A 58 -4.17 -7.26 30.93
C GLU A 58 -4.45 -8.14 32.14
N GLU A 59 -4.55 -9.46 31.94
CA GLU A 59 -4.78 -10.36 33.05
C GLU A 59 -3.62 -10.36 34.01
N LYS A 60 -2.38 -10.34 33.50
CA LYS A 60 -1.22 -10.26 34.38
C LYS A 60 -1.24 -8.97 35.20
N ARG A 61 -1.62 -7.85 34.57
CA ARG A 61 -1.72 -6.59 35.31
C ARG A 61 -2.80 -6.67 36.38
N GLU A 62 -3.95 -7.28 36.06
CA GLU A 62 -5.02 -7.38 37.04
C GLU A 62 -4.67 -8.32 38.19
N ARG A 63 -3.68 -9.19 38.02
CA ARG A 63 -3.20 -10.00 39.12
C ARG A 63 -2.00 -9.39 39.85
N GLY A 64 -1.63 -8.14 39.55
CA GLY A 64 -0.57 -7.47 40.26
C GLY A 64 0.82 -7.58 39.65
N GLU A 65 1.00 -8.35 38.58
CA GLU A 65 2.27 -8.35 37.88
C GLU A 65 2.51 -6.99 37.22
N GLU A 66 3.77 -6.58 37.21
CA GLU A 66 4.13 -5.26 36.71
C GLU A 66 4.50 -5.36 35.24
N ILE A 67 3.66 -4.81 34.37
CA ILE A 67 3.96 -4.66 32.96
C ILE A 67 3.64 -3.21 32.59
N ARG A 68 4.67 -2.43 32.30
CA ARG A 68 4.48 -1.04 31.92
C ARG A 68 4.02 -0.99 30.47
N VAL A 69 2.82 -0.48 30.24
CA VAL A 69 2.23 -0.48 28.90
C VAL A 69 2.47 0.89 28.26
N PHE A 70 3.12 0.87 27.10
CA PHE A 70 3.36 2.06 26.29
C PHE A 70 2.37 2.09 25.15
N LEU A 71 1.64 3.20 25.02
CA LEU A 71 0.68 3.39 23.95
C LEU A 71 1.17 4.52 23.04
N GLY A 72 1.36 4.22 21.77
CA GLY A 72 1.73 5.22 20.78
C GLY A 72 0.65 5.33 19.72
N TYR A 73 0.43 6.56 19.24
CA TYR A 73 -0.54 6.78 18.16
C TYR A 73 -0.23 8.09 17.48
N THR A 74 -0.65 8.19 16.21
CA THR A 74 -0.45 9.38 15.41
C THR A 74 -1.70 10.25 15.47
N SER A 75 -1.63 11.44 14.87
CA SER A 75 -2.69 12.44 15.00
C SER A 75 -4.03 11.91 14.51
N ASN A 76 -4.02 11.11 13.43
CA ASN A 76 -5.25 10.57 12.85
C ASN A 76 -6.09 9.81 13.85
N ILE A 77 -5.44 9.08 14.75
CA ILE A 77 -6.16 8.33 15.78
C ILE A 77 -7.05 9.28 16.58
N ILE A 78 -6.52 10.46 16.92
CA ILE A 78 -7.27 11.41 17.72
C ILE A 78 -8.26 12.20 16.88
N SER A 79 -7.95 12.42 15.59
CA SER A 79 -8.91 13.04 14.69
C SER A 79 -10.18 12.19 14.60
N SER A 80 -10.01 10.88 14.53
CA SER A 80 -11.12 9.95 14.36
C SER A 80 -11.85 9.78 15.69
N GLY A 81 -12.91 8.99 15.65
CA GLY A 81 -13.63 8.66 16.86
C GLY A 81 -12.91 7.69 17.77
N LEU A 82 -11.73 7.20 17.40
CA LEU A 82 -10.91 6.44 18.33
C LEU A 82 -10.48 7.27 19.53
N ARG A 83 -10.59 8.60 19.41
CA ARG A 83 -10.26 9.50 20.50
C ARG A 83 -10.99 9.09 21.78
N GLU A 84 -12.27 8.79 21.68
CA GLU A 84 -13.05 8.38 22.85
C GLU A 84 -12.57 7.06 23.42
N ILE A 85 -12.11 6.15 22.56
CA ILE A 85 -11.63 4.85 23.03
C ILE A 85 -10.28 5.00 23.72
N ILE A 86 -9.39 5.82 23.15
CA ILE A 86 -8.12 6.10 23.81
C ILE A 86 -8.36 6.74 25.17
N ALA A 87 -9.29 7.69 25.24
CA ALA A 87 -9.55 8.38 26.50
C ALA A 87 -10.06 7.41 27.56
N TRP A 88 -10.92 6.46 27.15
CA TRP A 88 -11.40 5.46 28.09
C TRP A 88 -10.27 4.54 28.56
N LEU A 89 -9.36 4.17 27.66
CA LEU A 89 -8.19 3.39 28.07
C LEU A 89 -7.37 4.13 29.11
N VAL A 90 -7.17 5.44 28.90
CA VAL A 90 -6.40 6.22 29.86
C VAL A 90 -7.19 6.42 31.15
N LYS A 91 -8.50 6.63 31.04
CA LYS A 91 -9.34 6.77 32.24
C LYS A 91 -9.23 5.55 33.12
N GLU A 92 -9.23 4.36 32.53
CA GLU A 92 -9.17 3.10 33.27
C GLU A 92 -7.76 2.63 33.55
N LYS A 93 -6.75 3.42 33.18
CA LYS A 93 -5.35 3.10 33.46
C LYS A 93 -4.96 1.74 32.87
N LYS A 94 -5.43 1.48 31.65
CA LYS A 94 -5.01 0.30 30.89
C LYS A 94 -3.63 0.48 30.25
N VAL A 95 -3.16 1.72 30.16
CA VAL A 95 -1.82 2.04 29.66
C VAL A 95 -1.16 2.95 30.69
N ASP A 96 0.17 2.95 30.69
CA ASP A 96 0.95 3.70 31.67
C ASP A 96 1.72 4.87 31.08
N VAL A 97 2.04 4.82 29.79
CA VAL A 97 2.83 5.85 29.13
C VAL A 97 2.26 6.04 27.73
N ILE A 98 2.14 7.31 27.32
CA ILE A 98 1.68 7.66 25.98
C ILE A 98 2.78 8.43 25.27
N VAL A 99 3.00 8.09 24.00
CA VAL A 99 3.75 8.92 23.07
C VAL A 99 2.83 9.22 21.89
N THR A 100 2.69 10.50 21.55
CA THR A 100 1.90 10.90 20.40
C THR A 100 2.59 12.09 19.74
N THR A 101 1.93 12.65 18.74
CA THR A 101 2.41 13.80 18.00
C THR A 101 1.62 15.04 18.40
N ALA A 102 2.00 16.19 17.83
CA ALA A 102 1.37 17.45 18.21
C ALA A 102 -0.13 17.42 17.94
N GLY A 103 -0.53 16.91 16.76
CA GLY A 103 -1.94 16.80 16.47
C GLY A 103 -2.67 15.89 17.44
N GLY A 104 -2.01 14.81 17.86
CA GLY A 104 -2.63 13.91 18.83
C GLY A 104 -2.92 14.59 20.15
N VAL A 105 -2.11 15.58 20.53
CA VAL A 105 -2.37 16.34 21.75
C VAL A 105 -3.43 17.39 21.51
N GLU A 106 -3.19 18.30 20.59
CA GLU A 106 -4.03 19.48 20.47
C GLU A 106 -5.45 19.14 20.02
N GLU A 107 -5.61 18.11 19.19
CA GLU A 107 -6.96 17.78 18.74
C GLU A 107 -7.79 17.15 19.85
N ASP A 108 -7.15 16.48 20.80
CA ASP A 108 -7.87 16.01 21.97
C ASP A 108 -8.40 17.17 22.81
N PHE A 109 -7.59 18.22 22.98
CA PHE A 109 -8.07 19.41 23.68
C PHE A 109 -9.23 20.05 22.91
N ILE A 110 -9.04 20.24 21.60
CA ILE A 110 -10.03 20.92 20.77
C ILE A 110 -11.37 20.19 20.82
N LYS A 111 -11.34 18.85 20.77
CA LYS A 111 -12.58 18.09 20.78
C LYS A 111 -13.35 18.27 22.08
N SER A 112 -12.67 18.68 23.16
CA SER A 112 -13.33 19.03 24.41
C SER A 112 -14.04 20.38 24.32
N LEU A 113 -13.74 21.17 23.30
CA LEU A 113 -14.38 22.46 23.08
C LEU A 113 -15.46 22.38 22.00
N LYS A 114 -15.09 21.92 20.81
CA LYS A 114 -16.02 21.80 19.69
C LYS A 114 -15.76 20.50 18.96
N PRO A 115 -16.79 19.84 18.43
CA PRO A 115 -16.60 18.55 17.77
C PRO A 115 -16.06 18.68 16.36
N PHE A 116 -15.40 17.61 15.92
CA PHE A 116 -15.07 17.43 14.51
C PHE A 116 -16.30 16.89 13.78
N ILE A 117 -16.38 17.17 12.48
CA ILE A 117 -17.57 16.94 11.68
C ILE A 117 -17.28 15.92 10.60
N LEU A 118 -18.18 14.98 10.38
CA LEU A 118 -17.99 13.96 9.33
C LEU A 118 -18.27 14.57 7.96
N GLY A 119 -17.29 14.50 7.07
CA GLY A 119 -17.36 15.02 5.70
C GLY A 119 -17.16 13.92 4.67
N ASP A 120 -16.41 14.20 3.60
CA ASP A 120 -16.12 13.20 2.56
C ASP A 120 -14.71 13.40 2.01
N TRP A 121 -14.11 12.32 1.54
CA TRP A 121 -12.73 12.37 0.98
C TRP A 121 -12.77 13.08 -0.37
N ALA A 126 -13.17 20.85 -2.73
CA ALA A 126 -11.85 21.32 -2.26
C ALA A 126 -11.85 22.84 -2.14
N GLU A 127 -13.05 23.43 -2.11
CA GLU A 127 -13.34 24.88 -1.94
C GLU A 127 -13.48 25.18 -0.43
N LEU A 128 -13.33 24.15 0.39
CA LEU A 128 -13.33 24.23 1.85
C LEU A 128 -12.33 25.30 2.25
N ARG A 129 -11.30 25.56 1.44
CA ARG A 129 -10.30 26.59 1.88
C ARG A 129 -10.94 27.97 1.98
N LYS A 130 -11.82 28.34 1.06
CA LYS A 130 -12.39 29.70 1.21
C LYS A 130 -13.40 29.66 2.35
N LYS A 131 -13.98 28.49 2.58
CA LYS A 131 -15.00 28.34 3.65
C LYS A 131 -14.30 28.16 5.00
N GLY A 132 -12.97 28.12 4.99
CA GLY A 132 -12.19 27.95 6.23
C GLY A 132 -12.43 26.61 6.90
N VAL A 133 -12.51 25.52 6.13
CA VAL A 133 -12.69 24.19 6.71
C VAL A 133 -11.43 23.38 6.42
N ASN A 134 -10.77 22.92 7.48
CA ASN A 134 -9.65 22.01 7.33
C ASN A 134 -10.18 20.59 7.18
N ARG A 135 -9.63 19.85 6.21
CA ARG A 135 -10.08 18.50 5.91
C ARG A 135 -8.98 17.52 6.30
N ILE A 136 -9.35 16.52 7.09
CA ILE A 136 -8.48 15.41 7.46
C ILE A 136 -9.16 14.16 6.93
N GLY A 137 -8.77 13.72 5.74
CA GLY A 137 -9.44 12.59 5.11
C GLY A 137 -10.88 12.93 4.84
N ASN A 138 -11.79 12.17 5.44
CA ASN A 138 -13.23 12.45 5.37
C ASN A 138 -13.74 13.15 6.64
N ILE A 139 -12.85 13.83 7.36
CA ILE A 139 -13.21 14.52 8.60
C ILE A 139 -12.99 16.01 8.39
N PHE A 140 -13.96 16.82 8.83
CA PHE A 140 -13.92 18.27 8.67
C PHE A 140 -13.68 18.94 10.02
N VAL A 141 -12.75 19.88 10.05
CA VAL A 141 -12.51 20.72 11.21
C VAL A 141 -12.74 22.17 10.81
N PRO A 142 -13.92 22.72 11.11
CA PRO A 142 -14.17 24.13 10.79
C PRO A 142 -13.24 25.07 11.55
N ASN A 143 -12.91 26.20 10.92
CA ASN A 143 -11.86 27.08 11.42
C ASN A 143 -12.14 27.58 12.84
N ASP A 144 -13.40 27.70 13.24
CA ASP A 144 -13.68 28.22 14.58
C ASP A 144 -13.21 27.27 15.68
N ARG A 145 -12.93 26.01 15.35
CA ARG A 145 -12.32 25.12 16.35
C ARG A 145 -10.95 25.65 16.78
N TYR A 146 -10.15 26.11 15.81
CA TYR A 146 -8.83 26.65 16.14
C TYR A 146 -8.91 28.04 16.77
N ILE A 147 -9.89 28.86 16.36
CA ILE A 147 -10.07 30.16 17.01
C ILE A 147 -10.42 29.96 18.48
N GLU A 148 -11.35 29.04 18.76
CA GLU A 148 -11.70 28.72 20.14
C GLU A 148 -10.51 28.12 20.89
N PHE A 149 -9.76 27.23 20.25
CA PHE A 149 -8.57 26.65 20.88
C PHE A 149 -7.57 27.73 21.26
N GLU A 150 -7.45 28.77 20.42
CA GLU A 150 -6.50 29.84 20.70
C GLU A 150 -6.87 30.62 21.96
N LYS A 151 -8.18 30.85 22.18
CA LYS A 151 -8.61 31.56 23.38
C LYS A 151 -8.16 30.85 24.64
N TYR A 152 -8.02 29.52 24.59
CA TYR A 152 -7.52 28.75 25.72
C TYR A 152 -6.01 28.67 25.75
N MET A 153 -5.35 28.64 24.59
CA MET A 153 -3.91 28.44 24.56
C MET A 153 -3.14 29.70 24.98
N ILE A 154 -3.64 30.88 24.63
CA ILE A 154 -2.92 32.11 24.99
C ILE A 154 -2.76 32.25 26.50
N PRO A 155 -3.82 32.15 27.32
CA PRO A 155 -3.59 32.16 28.77
C PRO A 155 -2.74 31.00 29.25
N PHE A 156 -2.84 29.83 28.61
CA PHE A 156 -1.98 28.72 29.00
C PHE A 156 -0.51 29.05 28.77
N PHE A 157 -0.19 29.62 27.60
CA PHE A 157 1.17 30.05 27.34
C PHE A 157 1.66 31.01 28.41
N GLU A 158 0.79 31.93 28.85
CA GLU A 158 1.18 32.89 29.88
C GLU A 158 1.46 32.19 31.20
N ARG A 159 0.64 31.19 31.55
CA ARG A 159 0.94 30.40 32.74
C ARG A 159 2.25 29.64 32.60
N VAL A 160 2.50 29.09 31.41
CA VAL A 160 3.74 28.34 31.18
C VAL A 160 4.95 29.23 31.38
N LEU A 161 4.89 30.45 30.85
CA LEU A 161 5.99 31.40 31.01
C LEU A 161 6.22 31.76 32.47
N LYS A 162 5.13 32.00 33.21
CA LYS A 162 5.26 32.31 34.63
C LYS A 162 5.89 31.15 35.39
N ILE A 163 5.46 29.93 35.09
CA ILE A 163 6.04 28.75 35.72
C ILE A 163 7.52 28.66 35.42
N GLU A 164 7.91 28.91 34.17
CA GLU A 164 9.31 28.80 33.78
C GLU A 164 10.14 29.91 34.41
N GLU A 165 9.58 31.11 34.52
CA GLU A 165 10.27 32.17 35.26
C GLU A 165 10.38 31.81 36.74
N LYS A 166 9.33 31.18 37.29
CA LYS A 166 9.36 30.77 38.70
C LYS A 166 10.47 29.77 38.97
N LEU A 167 10.56 28.72 38.13
CA LEU A 167 11.54 27.67 38.34
C LEU A 167 12.91 28.01 37.78
N SER A 168 13.03 29.07 36.97
CA SER A 168 14.25 29.38 36.23
C SER A 168 14.71 28.17 35.41
N ARG A 169 13.76 27.47 34.82
CA ARG A 169 14.06 26.33 33.97
C ARG A 169 12.91 26.17 32.98
N PRO A 170 13.17 25.54 31.84
CA PRO A 170 12.08 25.29 30.90
C PRO A 170 11.32 24.01 31.25
N LEU A 171 10.05 23.99 30.88
CA LEU A 171 9.28 22.77 30.90
C LEU A 171 9.69 21.88 29.73
N THR A 172 9.64 20.57 29.95
CA THR A 172 9.69 19.65 28.84
C THR A 172 8.30 19.53 28.20
N ALA A 173 8.25 18.86 27.06
CA ALA A 173 6.97 18.66 26.37
C ALA A 173 6.00 17.86 27.24
N SER A 174 6.49 16.83 27.93
CA SER A 174 5.61 16.02 28.77
C SER A 174 5.08 16.82 29.95
N GLU A 175 5.92 17.66 30.57
CA GLU A 175 5.44 18.55 31.62
C GLU A 175 4.44 19.57 31.07
N PHE A 176 4.73 20.11 29.89
CA PHE A 176 3.81 21.01 29.21
C PHE A 176 2.44 20.35 29.01
N ILE A 177 2.44 19.09 28.57
CA ILE A 177 1.17 18.40 28.32
C ILE A 177 0.49 18.05 29.64
N TYR A 178 1.26 17.70 30.67
CA TYR A 178 0.68 17.44 31.97
C TYR A 178 0.01 18.71 32.52
N GLU A 179 0.68 19.85 32.41
CA GLU A 179 0.07 21.11 32.83
C GLU A 179 -1.15 21.46 31.99
N MET A 180 -1.16 21.06 30.72
CA MET A 180 -2.36 21.23 29.90
C MET A 180 -3.55 20.49 30.50
N GLY A 181 -3.31 19.28 31.01
CA GLY A 181 -4.39 18.54 31.65
C GLY A 181 -4.87 19.16 32.94
N ARG A 182 -3.95 19.68 33.75
CA ARG A 182 -4.36 20.45 34.92
C ARG A 182 -5.21 21.64 34.52
N TYR A 183 -4.80 22.33 33.45
CA TYR A 183 -5.55 23.47 32.94
C TYR A 183 -6.96 23.06 32.50
N MET A 184 -7.08 21.93 31.81
CA MET A 184 -8.40 21.42 31.41
C MET A 184 -9.28 21.15 32.64
N ASP A 185 -8.70 20.52 33.66
CA ASP A 185 -9.46 20.25 34.89
C ASP A 185 -9.98 21.54 35.51
N GLU A 186 -9.14 22.57 35.55
CA GLU A 186 -9.55 23.83 36.15
C GLU A 186 -10.63 24.52 35.32
N LYS A 187 -10.51 24.51 33.99
CA LYS A 187 -11.29 25.40 33.16
C LYS A 187 -12.51 24.76 32.50
N LEU A 188 -12.60 23.44 32.45
CA LEU A 188 -13.66 22.79 31.69
C LEU A 188 -14.58 22.01 32.61
N GLY A 189 -15.76 21.72 32.09
CA GLY A 189 -16.75 20.89 32.77
C GLY A 189 -16.68 19.45 32.31
N LYS A 190 -17.85 18.83 32.15
CA LYS A 190 -17.97 17.39 31.90
C LYS A 190 -17.29 16.96 30.60
N GLU A 191 -17.12 17.86 29.64
CA GLU A 191 -16.48 17.51 28.36
C GLU A 191 -15.11 16.87 28.58
N LYS A 192 -14.39 17.30 29.61
CA LYS A 192 -13.04 16.80 29.85
C LYS A 192 -13.03 15.31 30.17
N GLU A 193 -14.19 14.75 30.54
CA GLU A 193 -14.22 13.35 30.91
C GLU A 193 -14.11 12.43 29.71
N LYS A 194 -14.15 12.96 28.50
CA LYS A 194 -13.87 12.21 27.29
C LYS A 194 -12.49 12.52 26.71
N SER A 195 -11.63 13.19 27.48
CA SER A 195 -10.36 13.73 26.99
C SER A 195 -9.17 12.86 27.42
N VAL A 196 -8.30 12.55 26.46
CA VAL A 196 -7.06 11.83 26.77
C VAL A 196 -6.15 12.68 27.65
N ILE A 197 -6.02 13.96 27.31
CA ILE A 197 -5.16 14.86 28.07
C ILE A 197 -5.63 14.99 29.50
N TYR A 198 -6.94 15.14 29.71
CA TYR A 198 -7.46 15.25 31.06
C TYR A 198 -7.15 14.00 31.86
N TRP A 199 -7.50 12.83 31.32
CA TRP A 199 -7.33 11.60 32.08
C TRP A 199 -5.85 11.25 32.28
N ALA A 200 -4.97 11.66 31.36
CA ALA A 200 -3.55 11.39 31.54
C ALA A 200 -2.97 12.20 32.68
N TYR A 201 -3.24 13.51 32.69
CA TYR A 201 -2.98 14.33 33.88
C TYR A 201 -3.61 13.74 35.14
N LYS A 202 -4.90 13.43 35.08
CA LYS A 202 -5.62 13.02 36.29
C LYS A 202 -5.04 11.74 36.88
N ASN A 203 -4.64 10.81 36.02
CA ASN A 203 -4.22 9.47 36.42
C ASN A 203 -2.71 9.32 36.43
N ASN A 204 -1.96 10.43 36.39
CA ASN A 204 -0.51 10.40 36.48
C ASN A 204 0.10 9.52 35.39
N ILE A 205 -0.39 9.68 34.17
CA ILE A 205 0.15 8.97 33.00
C ILE A 205 0.89 10.01 32.15
N PRO A 206 2.21 9.90 32.01
CA PRO A 206 2.94 10.87 31.18
C PRO A 206 2.60 10.73 29.70
N ILE A 207 2.49 11.87 29.03
CA ILE A 207 2.37 11.92 27.57
C ILE A 207 3.61 12.59 27.02
N PHE A 208 4.35 11.85 26.19
CA PHE A 208 5.52 12.41 25.53
C PHE A 208 5.16 12.79 24.11
N CYS A 209 5.76 13.87 23.63
CA CYS A 209 5.50 14.40 22.30
C CYS A 209 6.69 15.22 21.87
N PRO A 210 7.72 14.59 21.27
CA PRO A 210 9.00 15.29 21.09
C PRO A 210 8.98 16.41 20.05
N ALA A 211 7.92 16.51 19.25
CA ALA A 211 7.75 17.58 18.27
C ALA A 211 6.41 18.28 18.47
N ILE A 212 6.13 18.68 19.71
CA ILE A 212 4.84 19.26 20.08
C ILE A 212 4.58 20.61 19.42
N THR A 213 5.59 21.23 18.82
CA THR A 213 5.44 22.50 18.13
C THR A 213 4.99 22.34 16.68
N ASP A 214 4.85 21.12 16.18
CA ASP A 214 4.52 20.87 14.78
C ASP A 214 3.01 20.70 14.64
N GLY A 215 2.30 21.82 14.72
CA GLY A 215 0.85 21.79 14.66
C GLY A 215 0.26 23.13 15.08
N SER A 216 -1.00 23.07 15.52
CA SER A 216 -1.71 24.31 15.85
C SER A 216 -1.22 24.93 17.15
N ILE A 217 -0.71 24.12 18.08
CA ILE A 217 -0.08 24.70 19.27
C ILE A 217 1.11 25.56 18.88
N GLY A 218 1.95 25.04 17.97
CA GLY A 218 3.08 25.81 17.49
C GLY A 218 2.65 27.04 16.71
N ASP A 219 1.55 26.92 15.94
CA ASP A 219 1.05 28.08 15.21
C ASP A 219 0.65 29.21 16.15
N MET A 220 -0.08 28.89 17.22
CA MET A 220 -0.47 29.93 18.16
C MET A 220 0.70 30.38 19.01
N LEU A 221 1.64 29.48 19.30
CA LEU A 221 2.86 29.90 19.96
C LEU A 221 3.66 30.87 19.11
N TYR A 222 3.61 30.69 17.78
CA TYR A 222 4.24 31.65 16.89
C TYR A 222 3.62 33.04 17.05
N PHE A 223 2.28 33.09 17.05
CA PHE A 223 1.59 34.37 17.22
C PHE A 223 1.88 34.97 18.60
N PHE A 224 1.87 34.13 19.64
CA PHE A 224 2.19 34.60 20.99
C PHE A 224 3.62 35.14 21.07
N LYS A 225 4.55 34.45 20.41
CA LYS A 225 5.94 34.90 20.42
C LYS A 225 6.11 36.17 19.58
N GLU A 226 5.38 36.28 18.47
CA GLU A 226 5.53 37.44 17.60
C GLU A 226 4.94 38.68 18.23
N GLU A 227 3.73 38.57 18.79
CA GLU A 227 3.06 39.71 19.39
C GLU A 227 3.80 40.20 20.64
N ARG A 228 4.45 39.31 21.37
CA ARG A 228 5.13 39.67 22.60
C ARG A 228 6.64 39.78 22.47
N ARG A 229 7.18 39.55 21.27
CA ARG A 229 8.63 39.56 21.05
C ARG A 229 9.34 38.65 22.03
N ASP A 230 8.73 37.50 22.32
CA ASP A 230 9.22 36.60 23.34
C ASP A 230 10.18 35.58 22.74
N SER A 231 11.31 35.40 23.41
CA SER A 231 12.18 34.25 23.19
C SER A 231 12.38 33.46 24.47
N ARG A 232 11.66 33.80 25.54
CA ARG A 232 11.87 33.19 26.84
C ARG A 232 11.01 31.96 27.07
N LEU A 233 9.80 31.91 26.50
CA LEU A 233 9.00 30.69 26.57
C LEU A 233 9.73 29.58 25.83
N ILE A 234 10.26 28.61 26.57
CA ILE A 234 11.08 27.54 26.03
C ILE A 234 10.38 26.21 26.27
N ILE A 235 10.38 25.35 25.26
CA ILE A 235 9.95 23.97 25.42
C ILE A 235 11.15 23.07 25.18
N ASP A 236 11.56 22.35 26.21
CA ASP A 236 12.74 21.50 26.14
C ASP A 236 12.39 20.08 25.73
N ILE A 237 13.29 19.45 24.98
CA ILE A 237 13.14 18.06 24.59
C ILE A 237 14.29 17.19 25.07
N ALA A 238 15.38 17.78 25.56
CA ALA A 238 16.55 16.97 25.90
C ALA A 238 16.35 16.19 27.20
N ASN A 239 15.55 16.70 28.12
CA ASN A 239 15.38 16.03 29.41
C ASN A 239 14.27 14.99 29.42
N ASP A 240 13.33 15.04 28.48
CA ASP A 240 12.30 14.00 28.44
C ASP A 240 12.85 12.65 28.04
N ILE A 241 13.95 12.61 27.29
CA ILE A 241 14.49 11.34 26.86
C ILE A 241 15.03 10.55 28.04
N VAL A 242 15.62 11.23 29.04
CA VAL A 242 15.93 10.60 30.32
C VAL A 242 14.68 10.03 30.95
N LYS A 243 13.67 10.89 31.06
CA LYS A 243 12.34 10.50 31.51
C LYS A 243 11.76 9.29 30.78
N LEU A 244 11.72 9.40 29.46
CA LEU A 244 11.09 8.31 28.68
C LEU A 244 11.91 7.03 28.78
N ASN A 245 13.23 7.14 28.68
CA ASN A 245 14.06 5.93 28.69
C ASN A 245 14.07 5.25 30.05
N ASN A 246 14.08 6.03 31.13
CA ASN A 246 14.06 5.41 32.46
C ASN A 246 12.76 4.65 32.70
N LEU A 247 11.66 5.15 32.15
CA LEU A 247 10.38 4.45 32.28
C LEU A 247 10.43 3.07 31.67
N ALA A 248 11.11 2.93 30.53
CA ALA A 248 11.25 1.61 29.92
C ALA A 248 12.24 0.74 30.68
N ILE A 249 13.32 1.33 31.19
CA ILE A 249 14.39 0.55 31.82
C ILE A 249 13.92 -0.04 33.15
N THR A 250 13.23 0.77 33.97
CA THR A 250 12.92 0.37 35.34
C THR A 250 11.80 -0.67 35.40
N ALA A 251 11.02 -0.84 34.33
CA ALA A 251 9.91 -1.78 34.36
C ALA A 251 10.43 -3.22 34.38
N LYS A 252 9.74 -4.08 35.14
CA LYS A 252 10.07 -5.50 35.11
C LYS A 252 9.72 -6.11 33.76
N GLU A 253 8.60 -5.69 33.16
CA GLU A 253 8.25 -6.04 31.79
C GLU A 253 7.60 -4.83 31.14
N THR A 254 7.67 -4.75 29.81
CA THR A 254 6.98 -3.69 29.08
C THR A 254 6.16 -4.30 27.95
N ALA A 255 5.14 -3.55 27.55
CA ALA A 255 4.32 -3.87 26.40
C ALA A 255 4.15 -2.60 25.57
N SER A 256 4.18 -2.77 24.25
CA SER A 256 4.08 -1.64 23.32
C SER A 256 2.84 -1.84 22.46
N ILE A 257 1.88 -0.93 22.56
CA ILE A 257 0.72 -0.91 21.68
C ILE A 257 0.83 0.37 20.85
N ILE A 258 1.10 0.21 19.56
CA ILE A 258 1.45 1.34 18.71
C ILE A 258 0.51 1.38 17.52
N LEU A 259 -0.25 2.48 17.40
CA LEU A 259 -1.12 2.73 16.26
C LEU A 259 -0.42 3.67 15.29
N GLY A 260 -0.17 3.22 14.07
CA GLY A 260 0.52 4.05 13.07
C GLY A 260 2.03 4.03 13.17
N GLY A 261 2.67 4.90 12.41
CA GLY A 261 4.14 4.97 12.36
C GLY A 261 4.64 6.28 12.93
N SER A 262 5.60 6.87 12.25
CA SER A 262 6.19 8.18 12.58
C SER A 262 6.91 8.21 13.94
N LEU A 263 6.97 9.38 14.54
CA LEU A 263 7.75 9.61 15.79
C LEU A 263 7.30 8.72 16.95
N PRO A 264 5.99 8.52 17.24
CA PRO A 264 5.59 7.73 18.38
C PRO A 264 6.06 6.27 18.31
N LYS A 265 5.95 5.67 17.14
CA LYS A 265 6.44 4.28 16.97
C LYS A 265 7.94 4.23 17.23
N HIS A 266 8.70 5.12 16.61
CA HIS A 266 10.16 5.08 16.77
C HIS A 266 10.57 5.36 18.22
N ALA A 267 9.92 6.34 18.86
CA ALA A 267 10.29 6.68 20.23
C ALA A 267 10.06 5.51 21.18
N ILE A 268 8.92 4.82 21.07
CA ILE A 268 8.63 3.71 21.97
C ILE A 268 9.59 2.55 21.72
N ILE A 269 9.83 2.23 20.45
CA ILE A 269 10.78 1.16 20.14
C ILE A 269 12.19 1.56 20.58
N ASN A 270 12.58 2.81 20.32
CA ASN A 270 13.91 3.26 20.71
C ASN A 270 14.09 3.21 22.22
N ALA A 271 13.08 3.68 22.96
CA ALA A 271 13.17 3.63 24.42
C ALA A 271 13.33 2.21 24.93
N ASN A 272 12.61 1.26 24.32
CA ASN A 272 12.70 -0.13 24.77
C ASN A 272 13.98 -0.83 24.34
N LEU A 273 14.78 -0.21 23.47
CA LEU A 273 16.09 -0.78 23.14
C LEU A 273 16.97 -0.91 24.37
N PHE A 274 16.80 0.00 25.34
CA PHE A 274 17.67 0.04 26.51
C PHE A 274 17.46 -1.16 27.42
N ARG A 275 16.31 -1.83 27.33
CA ARG A 275 16.04 -3.03 28.12
C ARG A 275 16.08 -4.30 27.27
N GLY A 276 16.61 -4.23 26.06
CA GLY A 276 16.61 -5.36 25.16
C GLY A 276 15.35 -5.55 24.35
N GLY A 277 14.50 -4.53 24.24
CA GLY A 277 13.27 -4.63 23.50
C GLY A 277 12.06 -4.86 24.41
N THR A 278 10.88 -4.56 23.88
CA THR A 278 9.67 -4.76 24.66
C THR A 278 9.35 -6.24 24.77
N ASP A 279 8.61 -6.58 25.82
CA ASP A 279 8.24 -7.98 26.04
C ASP A 279 6.99 -8.38 25.30
N TYR A 280 6.10 -7.43 25.00
CA TYR A 280 4.91 -7.70 24.21
C TYR A 280 4.72 -6.53 23.24
N ALA A 281 4.35 -6.85 22.00
CA ALA A 281 4.15 -5.79 21.00
C ALA A 281 2.90 -6.05 20.18
N ILE A 282 2.07 -5.03 20.03
CA ILE A 282 0.94 -5.03 19.10
C ILE A 282 1.03 -3.76 18.27
N TYR A 283 1.31 -3.91 16.98
CA TYR A 283 1.41 -2.78 16.07
C TYR A 283 0.26 -2.84 15.08
N ILE A 284 -0.42 -1.71 14.88
CA ILE A 284 -1.51 -1.62 13.91
C ILE A 284 -1.20 -0.44 12.99
N SER A 285 -1.02 -0.72 11.70
CA SER A 285 -0.59 0.33 10.79
C SER A 285 -1.02 -0.01 9.37
N THR A 286 -1.25 1.03 8.58
CA THR A 286 -1.45 0.87 7.15
C THR A 286 -0.12 0.88 6.39
N ALA A 287 0.97 1.25 7.05
CA ALA A 287 2.26 1.18 6.39
C ALA A 287 2.64 -0.27 6.19
N VAL A 288 3.09 -0.56 4.97
CA VAL A 288 3.51 -1.94 4.63
C VAL A 288 4.98 -2.07 5.01
N PRO A 289 5.33 -2.95 5.97
CA PRO A 289 6.71 -3.16 6.33
C PRO A 289 7.32 -3.93 5.15
N TRP A 290 8.63 -3.72 5.02
CA TRP A 290 9.56 -4.22 4.01
C TRP A 290 9.56 -5.75 3.98
N ASP A 291 9.49 -6.31 5.18
CA ASP A 291 9.62 -7.74 5.52
C ASP A 291 8.34 -8.46 5.10
N GLY A 292 7.18 -7.82 5.28
CA GLY A 292 5.90 -8.36 4.80
C GLY A 292 4.78 -8.04 5.73
N SER A 293 3.57 -7.85 5.19
CA SER A 293 2.36 -7.61 6.00
C SER A 293 2.11 -8.79 6.95
N LEU A 294 2.38 -10.02 6.49
CA LEU A 294 2.18 -11.25 7.32
C LEU A 294 3.46 -11.65 8.06
N SER A 295 4.55 -10.91 7.87
CA SER A 295 5.87 -11.26 8.46
C SER A 295 5.90 -11.16 10.01
N GLY A 296 6.74 -12.01 10.61
CA GLY A 296 7.02 -11.93 12.05
C GLY A 296 7.89 -10.74 12.44
N ALA A 297 8.84 -10.39 11.57
CA ALA A 297 9.93 -9.42 11.86
C ALA A 297 9.45 -8.01 12.24
N PRO A 298 8.46 -7.39 11.55
CA PRO A 298 8.04 -6.00 11.80
C PRO A 298 7.87 -5.64 13.28
N PRO A 299 7.06 -6.36 14.08
CA PRO A 299 6.93 -6.09 15.50
C PRO A 299 8.10 -6.65 16.33
N ARG A 300 9.00 -7.41 15.70
CA ARG A 300 10.17 -7.98 16.40
C ARG A 300 11.34 -7.00 16.29
N GLU A 301 11.21 -5.89 15.57
CA GLU A 301 12.36 -5.01 15.53
C GLU A 301 12.72 -4.42 16.87
N GLY A 302 14.01 -4.16 17.00
CA GLY A 302 14.60 -3.55 18.21
C GLY A 302 14.49 -4.49 19.39
N VAL A 303 14.11 -5.75 19.17
CA VAL A 303 14.02 -6.70 20.31
C VAL A 303 15.23 -7.64 20.26
N SER A 304 15.72 -8.02 21.44
CA SER A 304 16.89 -8.89 21.62
C SER A 304 16.56 -9.96 22.66
N TRP A 305 16.05 -11.12 22.23
CA TRP A 305 15.76 -12.23 23.18
C TRP A 305 16.41 -13.52 22.68
N ALA A 312 6.94 -15.09 21.52
CA ALA A 312 5.92 -15.22 20.50
C ALA A 312 4.79 -14.21 20.74
N ASP A 313 5.09 -13.19 21.53
CA ASP A 313 4.10 -12.19 21.96
C ASP A 313 4.24 -10.90 21.17
N TYR A 314 4.50 -11.02 19.87
CA TYR A 314 4.70 -9.88 18.98
C TYR A 314 3.84 -10.09 17.75
N VAL A 315 3.06 -9.07 17.40
CA VAL A 315 2.18 -9.16 16.23
C VAL A 315 1.94 -7.78 15.67
N GLU A 316 1.81 -7.72 14.36
CA GLU A 316 1.38 -6.53 13.67
C GLU A 316 0.08 -6.85 12.94
N VAL A 317 -0.86 -5.93 12.97
CA VAL A 317 -2.10 -6.03 12.21
C VAL A 317 -2.09 -4.94 11.17
N TRP A 318 -2.13 -5.33 9.91
CA TRP A 318 -2.06 -4.36 8.82
C TRP A 318 -3.46 -3.87 8.47
N GLY A 319 -3.67 -2.57 8.59
CA GLY A 319 -4.96 -2.00 8.23
C GLY A 319 -5.20 -0.70 8.99
N ASP A 320 -6.36 -0.10 8.69
CA ASP A 320 -6.79 1.14 9.29
C ASP A 320 -7.18 0.88 10.74
N ALA A 321 -6.56 1.62 11.67
CA ALA A 321 -6.85 1.42 13.08
C ALA A 321 -8.32 1.69 13.41
N THR A 322 -8.98 2.57 12.66
CA THR A 322 -10.39 2.85 12.96
C THR A 322 -11.25 1.60 12.77
N LEU A 323 -10.83 0.68 11.89
CA LEU A 323 -11.50 -0.61 11.74
C LEU A 323 -11.10 -1.58 12.83
N ILE A 324 -9.80 -1.66 13.12
CA ILE A 324 -9.26 -2.75 13.93
C ILE A 324 -9.33 -2.44 15.41
N PHE A 325 -8.92 -1.24 15.80
CA PHE A 325 -8.75 -0.95 17.23
C PHE A 325 -10.02 -1.11 18.07
N PRO A 326 -11.21 -0.66 17.63
CA PRO A 326 -12.39 -0.88 18.48
C PRO A 326 -12.69 -2.35 18.72
N ILE A 327 -12.52 -3.19 17.70
CA ILE A 327 -12.68 -4.64 17.90
C ILE A 327 -11.67 -5.14 18.92
N LEU A 328 -10.40 -4.76 18.75
CA LEU A 328 -9.36 -5.25 19.66
C LEU A 328 -9.67 -4.84 21.10
N VAL A 329 -9.99 -3.56 21.31
CA VAL A 329 -10.22 -3.08 22.67
C VAL A 329 -11.42 -3.77 23.30
N TRP A 330 -12.51 -3.93 22.54
CA TRP A 330 -13.69 -4.57 23.11
C TRP A 330 -13.41 -6.01 23.50
N MET A 331 -12.78 -6.77 22.61
CA MET A 331 -12.53 -8.18 22.88
C MET A 331 -11.56 -8.38 24.04
N VAL A 332 -10.63 -7.44 24.24
CA VAL A 332 -9.68 -7.57 25.33
C VAL A 332 -10.29 -7.14 26.65
N MET A 333 -11.02 -6.02 26.66
CA MET A 333 -11.44 -5.36 27.89
C MET A 333 -12.87 -5.66 28.32
N LYS A 334 -13.77 -5.96 27.39
CA LYS A 334 -15.18 -6.01 27.71
C LYS A 334 -15.86 -7.33 27.41
N ALA A 335 -15.30 -8.16 26.55
CA ALA A 335 -15.95 -9.41 26.17
C ALA A 335 -15.88 -10.41 27.32
N ARG A 336 -17.04 -10.98 27.67
CA ARG A 336 -17.12 -11.96 28.75
C ARG A 336 -17.62 -13.29 28.22
N GLU B 15 -23.08 21.35 11.42
CA GLU B 15 -22.85 21.35 9.99
C GLU B 15 -22.89 19.92 9.44
N GLY B 16 -23.14 18.97 10.33
CA GLY B 16 -23.14 17.58 9.94
C GLY B 16 -23.04 16.69 11.18
N VAL B 17 -22.61 15.46 10.95
CA VAL B 17 -22.53 14.46 12.01
C VAL B 17 -21.23 14.64 12.78
N GLU B 18 -21.33 14.59 14.11
CA GLU B 18 -20.15 14.78 14.95
C GLU B 18 -19.32 13.51 15.01
N VAL B 19 -18.01 13.65 14.80
CA VAL B 19 -17.11 12.52 14.91
C VAL B 19 -17.03 12.09 16.37
N LYS B 20 -17.45 10.85 16.64
CA LYS B 20 -17.53 10.35 18.01
C LYS B 20 -17.38 8.84 17.99
N GLY B 21 -16.54 8.31 18.88
CA GLY B 21 -16.46 6.88 19.08
C GLY B 21 -17.36 6.44 20.23
N PRO B 22 -17.50 5.13 20.42
CA PRO B 22 -18.29 4.65 21.54
C PRO B 22 -17.57 4.87 22.87
N TRP B 23 -18.36 5.13 23.90
CA TRP B 23 -17.86 5.24 25.26
C TRP B 23 -18.02 3.89 25.94
N LEU B 24 -16.91 3.27 26.31
CA LEU B 24 -16.94 1.87 26.74
C LEU B 24 -17.46 1.71 28.17
N ASP B 25 -17.71 2.79 28.89
CA ASP B 25 -18.49 2.67 30.13
C ASP B 25 -19.97 2.43 29.85
N ASP B 26 -20.46 2.83 28.68
CA ASP B 26 -21.87 2.73 28.31
C ASP B 26 -22.17 1.58 27.34
N ALA B 27 -21.35 1.41 26.31
CA ALA B 27 -21.62 0.42 25.28
C ALA B 27 -21.71 -0.98 25.89
N GLN B 28 -22.76 -1.71 25.51
CA GLN B 28 -23.07 -3.01 26.10
C GLN B 28 -22.67 -4.19 25.21
N SER B 29 -22.36 -3.97 23.94
CA SER B 29 -22.04 -5.07 23.03
C SER B 29 -21.09 -4.60 21.95
N LEU B 30 -20.47 -5.57 21.27
CA LEU B 30 -19.60 -5.27 20.14
C LEU B 30 -20.38 -4.70 18.96
N GLU B 31 -21.54 -5.26 18.71
CA GLU B 31 -22.55 -4.65 17.84
C GLU B 31 -22.82 -3.18 18.13
N GLU B 32 -22.97 -2.82 19.41
CA GLU B 32 -23.13 -1.39 19.70
C GLU B 32 -21.87 -0.62 19.35
N VAL B 33 -20.71 -1.21 19.63
CA VAL B 33 -19.44 -0.58 19.26
C VAL B 33 -19.40 -0.32 17.76
N VAL B 34 -19.70 -1.35 16.97
CA VAL B 34 -19.66 -1.23 15.50
C VAL B 34 -20.74 -0.30 14.97
N SER B 35 -21.82 -0.07 15.73
CA SER B 35 -22.83 0.89 15.29
C SER B 35 -22.34 2.33 15.33
N TYR B 36 -21.20 2.60 15.96
CA TYR B 36 -20.57 3.91 15.88
C TYR B 36 -19.67 4.07 14.67
N TYR B 37 -19.40 2.98 13.94
CA TYR B 37 -18.37 3.03 12.90
C TYR B 37 -18.64 4.12 11.88
N TYR B 38 -19.91 4.38 11.55
CA TYR B 38 -20.20 5.36 10.51
C TYR B 38 -19.72 6.76 10.89
N ARG B 39 -19.62 7.04 12.18
CA ARG B 39 -19.22 8.39 12.67
C ARG B 39 -17.81 8.36 13.27
N ILE B 40 -17.09 7.25 13.11
CA ILE B 40 -15.70 7.18 13.64
C ILE B 40 -14.75 7.84 12.64
N GLY B 41 -15.11 7.84 11.37
CA GLY B 41 -14.27 8.42 10.31
C GLY B 41 -13.34 7.42 9.67
N PHE B 42 -12.68 7.85 8.61
CA PHE B 42 -11.74 7.05 7.78
C PHE B 42 -12.43 5.79 7.28
N GLN B 43 -11.78 4.64 7.38
CA GLN B 43 -12.33 3.35 6.88
C GLN B 43 -13.50 2.88 7.75
N ALA B 44 -13.53 3.19 9.04
CA ALA B 44 -14.69 2.80 9.84
C ALA B 44 -15.97 3.40 9.25
N THR B 45 -15.90 4.65 8.80
CA THR B 45 -17.06 5.28 8.18
C THR B 45 -17.48 4.54 6.92
N HIS B 46 -16.53 4.10 6.10
CA HIS B 46 -16.87 3.33 4.90
C HIS B 46 -17.53 2.00 5.26
N LEU B 47 -17.03 1.31 6.28
CA LEU B 47 -17.66 0.07 6.70
C LEU B 47 -19.08 0.33 7.21
N GLY B 48 -19.28 1.42 7.97
CA GLY B 48 -20.62 1.78 8.38
C GLY B 48 -21.54 2.05 7.20
N ARG B 49 -21.01 2.72 6.18
CA ARG B 49 -21.77 2.98 4.95
C ARG B 49 -22.08 1.67 4.22
N ALA B 50 -21.09 0.77 4.13
CA ALA B 50 -21.32 -0.54 3.50
C ALA B 50 -22.41 -1.31 4.21
N ILE B 51 -22.45 -1.24 5.54
CA ILE B 51 -23.51 -1.89 6.30
C ILE B 51 -24.87 -1.30 5.96
N GLU B 52 -24.94 0.03 5.87
CA GLU B 52 -26.21 0.67 5.53
C GLU B 52 -26.65 0.30 4.12
N ILE B 53 -25.71 0.28 3.17
CA ILE B 53 -26.05 -0.05 1.79
C ILE B 53 -26.60 -1.47 1.68
N TRP B 54 -25.93 -2.43 2.33
CA TRP B 54 -26.35 -3.81 2.16
C TRP B 54 -27.64 -4.11 2.92
N ARG B 55 -27.81 -3.52 4.11
CA ARG B 55 -29.09 -3.63 4.81
C ARG B 55 -30.22 -3.11 3.93
N LYS B 56 -29.99 -1.99 3.23
CA LYS B 56 -30.98 -1.45 2.30
C LYS B 56 -31.27 -2.44 1.19
N VAL B 57 -30.22 -2.99 0.57
CA VAL B 57 -30.41 -3.98 -0.48
C VAL B 57 -31.15 -5.20 0.07
N GLU B 58 -30.69 -5.71 1.20
CA GLU B 58 -31.29 -6.91 1.78
C GLU B 58 -32.75 -6.66 2.18
N GLU B 59 -33.03 -5.52 2.80
CA GLU B 59 -34.41 -5.21 3.20
C GLU B 59 -35.32 -5.07 1.98
N LYS B 60 -34.82 -4.44 0.91
CA LYS B 60 -35.61 -4.38 -0.32
C LYS B 60 -35.87 -5.77 -0.87
N ARG B 61 -34.84 -6.64 -0.86
CA ARG B 61 -35.00 -8.00 -1.37
C ARG B 61 -36.00 -8.79 -0.55
N GLU B 62 -35.97 -8.63 0.76
CA GLU B 62 -36.90 -9.35 1.63
C GLU B 62 -38.34 -8.89 1.43
N ARG B 63 -38.55 -7.70 0.90
CA ARG B 63 -39.88 -7.20 0.58
C ARG B 63 -40.20 -7.32 -0.90
N GLY B 64 -39.51 -8.21 -1.63
CA GLY B 64 -39.89 -8.58 -2.97
C GLY B 64 -39.32 -7.75 -4.10
N GLU B 65 -38.59 -6.68 -3.80
CA GLU B 65 -38.01 -5.87 -4.86
C GLU B 65 -36.88 -6.63 -5.54
N GLU B 66 -36.82 -6.57 -6.87
CA GLU B 66 -35.80 -7.28 -7.63
C GLU B 66 -34.50 -6.49 -7.60
N ILE B 67 -33.52 -7.00 -6.87
CA ILE B 67 -32.15 -6.50 -6.94
C ILE B 67 -31.26 -7.74 -7.11
N ARG B 68 -30.67 -7.90 -8.28
CA ARG B 68 -29.80 -9.03 -8.55
C ARG B 68 -28.43 -8.74 -7.94
N VAL B 69 -27.99 -9.60 -7.03
CA VAL B 69 -26.78 -9.39 -6.24
C VAL B 69 -25.65 -10.21 -6.86
N PHE B 70 -24.62 -9.51 -7.34
CA PHE B 70 -23.43 -10.13 -7.91
C PHE B 70 -22.34 -10.13 -6.84
N LEU B 71 -21.83 -11.32 -6.52
CA LEU B 71 -20.79 -11.49 -5.52
C LEU B 71 -19.50 -11.91 -6.22
N GLY B 72 -18.45 -11.13 -6.04
CA GLY B 72 -17.15 -11.44 -6.61
C GLY B 72 -16.11 -11.56 -5.53
N TYR B 73 -15.20 -12.52 -5.69
CA TYR B 73 -14.09 -12.66 -4.74
C TYR B 73 -12.95 -13.41 -5.40
N THR B 74 -11.74 -13.12 -4.94
CA THR B 74 -10.55 -13.80 -5.42
C THR B 74 -10.25 -15.03 -4.56
N SER B 75 -9.19 -15.74 -4.91
CA SER B 75 -8.92 -17.04 -4.28
C SER B 75 -8.54 -16.92 -2.81
N ASN B 76 -7.88 -15.82 -2.43
CA ASN B 76 -7.54 -15.64 -1.01
C ASN B 76 -8.78 -15.66 -0.13
N ILE B 77 -9.90 -15.14 -0.63
CA ILE B 77 -11.15 -15.16 0.12
C ILE B 77 -11.52 -16.60 0.51
N ILE B 78 -11.42 -17.52 -0.45
CA ILE B 78 -11.81 -18.90 -0.20
C ILE B 78 -10.72 -19.66 0.53
N SER B 79 -9.45 -19.24 0.37
CA SER B 79 -8.36 -19.80 1.17
C SER B 79 -8.61 -19.59 2.66
N SER B 80 -9.09 -18.41 3.03
CA SER B 80 -9.32 -18.00 4.41
C SER B 80 -10.62 -18.60 4.96
N GLY B 81 -10.86 -18.35 6.23
CA GLY B 81 -12.10 -18.77 6.89
C GLY B 81 -13.35 -18.09 6.34
N LEU B 82 -13.21 -17.05 5.50
CA LEU B 82 -14.38 -16.44 4.90
C LEU B 82 -15.15 -17.42 4.01
N ARG B 83 -14.53 -18.54 3.64
CA ARG B 83 -15.19 -19.54 2.81
C ARG B 83 -16.50 -20.01 3.46
N GLU B 84 -16.49 -20.20 4.78
CA GLU B 84 -17.71 -20.61 5.48
C GLU B 84 -18.78 -19.53 5.39
N ILE B 85 -18.37 -18.26 5.46
CA ILE B 85 -19.34 -17.18 5.40
C ILE B 85 -19.92 -17.05 4.00
N ILE B 86 -19.08 -17.12 2.98
CA ILE B 86 -19.58 -17.10 1.61
C ILE B 86 -20.57 -18.24 1.39
N ALA B 87 -20.22 -19.44 1.88
CA ALA B 87 -21.09 -20.59 1.68
C ALA B 87 -22.45 -20.36 2.33
N TRP B 88 -22.47 -19.77 3.52
CA TRP B 88 -23.72 -19.44 4.18
C TRP B 88 -24.54 -18.43 3.37
N LEU B 89 -23.88 -17.42 2.80
CA LEU B 89 -24.59 -16.44 1.99
C LEU B 89 -25.27 -17.10 0.80
N VAL B 90 -24.59 -18.06 0.16
CA VAL B 90 -25.15 -18.77 -0.98
C VAL B 90 -26.26 -19.72 -0.53
N LYS B 91 -26.05 -20.43 0.59
CA LYS B 91 -27.08 -21.30 1.12
C LYS B 91 -28.37 -20.52 1.38
N GLU B 92 -28.26 -19.36 2.01
CA GLU B 92 -29.40 -18.53 2.37
C GLU B 92 -29.87 -17.61 1.24
N LYS B 93 -29.37 -17.81 0.02
CA LYS B 93 -29.83 -17.07 -1.17
C LYS B 93 -29.69 -15.56 -0.99
N LYS B 94 -28.62 -15.14 -0.33
CA LYS B 94 -28.36 -13.71 -0.18
C LYS B 94 -27.69 -13.10 -1.40
N VAL B 95 -27.18 -13.92 -2.31
CA VAL B 95 -26.56 -13.47 -3.54
C VAL B 95 -27.12 -14.32 -4.67
N ASP B 96 -27.10 -13.77 -5.88
CA ASP B 96 -27.69 -14.42 -7.03
C ASP B 96 -26.69 -14.87 -8.07
N VAL B 97 -25.53 -14.21 -8.15
CA VAL B 97 -24.52 -14.50 -9.15
C VAL B 97 -23.16 -14.41 -8.47
N ILE B 98 -22.30 -15.38 -8.75
CA ILE B 98 -20.95 -15.41 -8.22
C ILE B 98 -19.97 -15.34 -9.39
N VAL B 99 -18.96 -14.49 -9.27
CA VAL B 99 -17.79 -14.49 -10.14
C VAL B 99 -16.56 -14.67 -9.26
N THR B 100 -15.74 -15.67 -9.60
CA THR B 100 -14.52 -15.88 -8.82
C THR B 100 -13.41 -16.36 -9.77
N THR B 101 -12.29 -16.76 -9.19
CA THR B 101 -11.13 -17.23 -9.92
C THR B 101 -11.03 -18.75 -9.80
N ALA B 102 -10.04 -19.31 -10.49
CA ALA B 102 -9.81 -20.76 -10.44
C ALA B 102 -9.54 -21.21 -9.01
N GLY B 103 -8.68 -20.48 -8.29
CA GLY B 103 -8.43 -20.82 -6.89
C GLY B 103 -9.68 -20.73 -6.04
N GLY B 104 -10.52 -19.72 -6.30
CA GLY B 104 -11.77 -19.60 -5.56
C GLY B 104 -12.69 -20.79 -5.74
N VAL B 105 -12.60 -21.47 -6.89
CA VAL B 105 -13.46 -22.64 -7.14
C VAL B 105 -12.86 -23.88 -6.48
N GLU B 106 -11.61 -24.17 -6.80
CA GLU B 106 -11.01 -25.46 -6.46
C GLU B 106 -10.69 -25.57 -4.98
N GLU B 107 -10.34 -24.46 -4.34
CA GLU B 107 -10.09 -24.50 -2.89
C GLU B 107 -11.38 -24.72 -2.11
N ASP B 108 -12.52 -24.25 -2.63
CA ASP B 108 -13.79 -24.60 -1.98
C ASP B 108 -14.04 -26.10 -2.04
N PHE B 109 -13.76 -26.73 -3.18
CA PHE B 109 -13.90 -28.17 -3.30
C PHE B 109 -12.92 -28.90 -2.40
N ILE B 110 -11.63 -28.51 -2.45
CA ILE B 110 -10.61 -29.19 -1.66
C ILE B 110 -10.94 -29.13 -0.17
N LYS B 111 -11.41 -27.97 0.31
CA LYS B 111 -11.76 -27.84 1.74
C LYS B 111 -12.87 -28.77 2.17
N SER B 112 -13.71 -29.25 1.24
CA SER B 112 -14.68 -30.28 1.57
C SER B 112 -14.05 -31.67 1.66
N LEU B 113 -12.80 -31.82 1.22
CA LEU B 113 -12.09 -33.09 1.35
C LEU B 113 -11.22 -33.10 2.60
N LYS B 114 -10.33 -32.12 2.72
CA LYS B 114 -9.43 -31.93 3.86
C LYS B 114 -9.26 -30.43 4.11
N PRO B 115 -9.23 -30.02 5.38
CA PRO B 115 -9.12 -28.59 5.68
C PRO B 115 -7.75 -28.01 5.36
N PHE B 116 -7.72 -26.69 5.20
CA PHE B 116 -6.47 -25.95 5.19
C PHE B 116 -5.99 -25.74 6.62
N ILE B 117 -4.71 -25.55 6.77
CA ILE B 117 -4.05 -25.45 8.10
C ILE B 117 -3.43 -24.06 8.29
N LEU B 118 -3.58 -23.54 9.49
CA LEU B 118 -3.03 -22.21 9.79
C LEU B 118 -1.52 -22.32 9.87
N GLY B 119 -0.83 -21.55 9.04
CA GLY B 119 0.64 -21.49 9.04
C GLY B 119 1.09 -20.45 10.02
N ASP B 120 0.78 -20.69 11.29
CA ASP B 120 1.07 -19.78 12.43
C ASP B 120 2.58 -19.62 12.67
N TRP B 121 3.35 -20.70 12.57
CA TRP B 121 4.81 -20.66 12.88
C TRP B 121 5.64 -20.06 11.75
N GLU B 122 6.92 -19.87 12.04
CA GLU B 122 7.77 -19.43 10.92
C GLU B 122 8.46 -20.68 10.36
N VAL B 123 8.22 -20.93 9.10
CA VAL B 123 8.82 -22.04 8.34
C VAL B 123 9.37 -21.36 7.12
N ASP B 124 10.61 -21.61 6.75
CA ASP B 124 11.07 -21.00 5.49
C ASP B 124 10.44 -21.81 4.34
N ASP B 125 10.30 -21.19 3.18
CA ASP B 125 9.62 -21.85 2.09
C ASP B 125 10.41 -23.03 1.54
N ALA B 126 11.73 -23.05 1.74
CA ALA B 126 12.52 -24.20 1.35
C ALA B 126 12.14 -25.43 2.15
N GLU B 127 11.96 -25.27 3.47
CA GLU B 127 11.48 -26.39 4.28
C GLU B 127 10.03 -26.74 3.93
N LEU B 128 9.22 -25.74 3.58
CA LEU B 128 7.86 -26.02 3.14
C LEU B 128 7.85 -26.85 1.87
N ARG B 129 8.70 -26.49 0.90
CA ARG B 129 8.72 -27.22 -0.37
C ARG B 129 9.23 -28.66 -0.21
N LYS B 130 10.27 -28.89 0.61
CA LYS B 130 10.68 -30.25 0.99
C LYS B 130 9.50 -31.05 1.54
N LYS B 131 8.69 -30.43 2.39
CA LYS B 131 7.56 -31.15 2.96
C LYS B 131 6.34 -31.17 2.04
N GLY B 132 6.44 -30.53 0.88
CA GLY B 132 5.33 -30.54 -0.06
C GLY B 132 4.15 -29.70 0.36
N VAL B 133 4.38 -28.66 1.16
CA VAL B 133 3.34 -27.79 1.68
C VAL B 133 3.25 -26.55 0.81
N ASN B 134 2.06 -26.27 0.28
CA ASN B 134 1.78 -25.05 -0.46
C ASN B 134 1.38 -23.96 0.53
N ARG B 135 2.06 -22.82 0.47
CA ARG B 135 1.79 -21.71 1.37
C ARG B 135 1.03 -20.60 0.65
N ILE B 136 -0.08 -20.17 1.25
CA ILE B 136 -0.91 -19.08 0.76
C ILE B 136 -0.98 -18.07 1.90
N GLY B 137 -0.14 -17.05 1.86
CA GLY B 137 -0.08 -16.13 2.99
C GLY B 137 0.40 -16.87 4.23
N ASN B 138 -0.44 -16.91 5.26
CA ASN B 138 -0.16 -17.67 6.47
C ASN B 138 -1.03 -18.91 6.57
N ILE B 139 -1.43 -19.47 5.42
CA ILE B 139 -2.27 -20.65 5.36
C ILE B 139 -1.50 -21.74 4.63
N PHE B 140 -1.53 -22.96 5.16
CA PHE B 140 -0.81 -24.09 4.58
C PHE B 140 -1.78 -25.10 3.98
N VAL B 141 -1.44 -25.60 2.81
CA VAL B 141 -2.16 -26.69 2.17
C VAL B 141 -1.19 -27.86 1.98
N PRO B 142 -1.25 -28.87 2.84
CA PRO B 142 -0.36 -30.03 2.68
C PRO B 142 -0.66 -30.78 1.39
N ASN B 143 0.36 -31.52 0.93
CA ASN B 143 0.30 -32.13 -0.40
C ASN B 143 -0.85 -33.12 -0.55
N ASP B 144 -1.23 -33.82 0.52
CA ASP B 144 -2.29 -34.82 0.36
C ASP B 144 -3.64 -34.20 0.02
N ARG B 145 -3.82 -32.89 0.24
CA ARG B 145 -5.03 -32.21 -0.22
C ARG B 145 -5.17 -32.30 -1.74
N TYR B 146 -4.06 -32.11 -2.46
CA TYR B 146 -4.09 -32.13 -3.92
C TYR B 146 -4.19 -33.55 -4.46
N ILE B 147 -3.57 -34.52 -3.80
CA ILE B 147 -3.76 -35.92 -4.19
C ILE B 147 -5.23 -36.30 -4.06
N GLU B 148 -5.84 -35.94 -2.93
CA GLU B 148 -7.26 -36.22 -2.74
C GLU B 148 -8.11 -35.49 -3.77
N PHE B 149 -7.72 -34.26 -4.11
CA PHE B 149 -8.44 -33.53 -5.16
C PHE B 149 -8.38 -34.26 -6.50
N GLU B 150 -7.19 -34.76 -6.86
CA GLU B 150 -7.04 -35.50 -8.11
C GLU B 150 -7.88 -36.76 -8.13
N LYS B 151 -8.02 -37.42 -6.98
CA LYS B 151 -8.88 -38.60 -6.89
C LYS B 151 -10.29 -38.29 -7.39
N TYR B 152 -10.79 -37.09 -7.10
CA TYR B 152 -12.14 -36.70 -7.49
C TYR B 152 -12.19 -36.01 -8.85
N MET B 153 -11.11 -35.34 -9.27
CA MET B 153 -11.19 -34.53 -10.48
C MET B 153 -11.01 -35.37 -11.75
N ILE B 154 -10.15 -36.38 -11.73
CA ILE B 154 -9.98 -37.23 -12.91
C ILE B 154 -11.30 -37.88 -13.34
N PRO B 155 -12.05 -38.54 -12.45
CA PRO B 155 -13.38 -39.05 -12.89
C PRO B 155 -14.33 -37.94 -13.29
N PHE B 156 -14.22 -36.75 -12.67
CA PHE B 156 -15.04 -35.63 -13.11
C PHE B 156 -14.68 -35.20 -14.53
N PHE B 157 -13.38 -35.14 -14.86
CA PHE B 157 -12.99 -34.88 -16.23
C PHE B 157 -13.60 -35.89 -17.19
N GLU B 158 -13.58 -37.17 -16.81
CA GLU B 158 -14.18 -38.20 -17.66
C GLU B 158 -15.67 -37.98 -17.80
N ARG B 159 -16.36 -37.58 -16.72
CA ARG B 159 -17.78 -37.29 -16.82
C ARG B 159 -18.06 -36.08 -17.70
N VAL B 160 -17.23 -35.03 -17.59
CA VAL B 160 -17.43 -33.84 -18.41
C VAL B 160 -17.33 -34.19 -19.89
N LEU B 161 -16.32 -34.97 -20.25
CA LEU B 161 -16.12 -35.37 -21.63
C LEU B 161 -17.32 -36.16 -22.16
N LYS B 162 -17.86 -37.08 -21.34
CA LYS B 162 -19.04 -37.83 -21.76
C LYS B 162 -20.24 -36.91 -21.97
N ILE B 163 -20.42 -35.94 -21.07
CA ILE B 163 -21.51 -34.98 -21.23
C ILE B 163 -21.36 -34.20 -22.53
N GLU B 164 -20.12 -33.82 -22.83
CA GLU B 164 -19.82 -33.07 -24.07
C GLU B 164 -20.12 -33.93 -25.30
N GLU B 165 -19.71 -35.20 -25.26
CA GLU B 165 -19.99 -36.13 -26.37
C GLU B 165 -21.50 -36.30 -26.44
N LYS B 166 -22.16 -36.37 -25.30
CA LYS B 166 -23.61 -36.58 -25.36
C LYS B 166 -24.34 -35.38 -25.96
N LEU B 167 -23.94 -34.16 -25.60
CA LEU B 167 -24.61 -32.96 -26.09
C LEU B 167 -24.08 -32.47 -27.42
N SER B 168 -22.97 -33.03 -27.90
CA SER B 168 -22.29 -32.59 -29.11
C SER B 168 -21.94 -31.10 -29.04
N ARG B 169 -21.50 -30.65 -27.86
CA ARG B 169 -21.12 -29.26 -27.66
C ARG B 169 -20.28 -29.17 -26.39
N PRO B 170 -19.41 -28.17 -26.28
CA PRO B 170 -18.64 -27.99 -25.05
C PRO B 170 -19.46 -27.36 -23.93
N LEU B 171 -19.07 -27.69 -22.71
CA LEU B 171 -19.60 -27.00 -21.54
C LEU B 171 -18.90 -25.67 -21.38
N THR B 172 -19.65 -24.67 -20.91
CA THR B 172 -19.00 -23.45 -20.48
C THR B 172 -18.38 -23.65 -19.10
N ALA B 173 -17.60 -22.67 -18.66
CA ALA B 173 -16.99 -22.73 -17.34
C ALA B 173 -18.04 -22.76 -16.24
N SER B 174 -19.11 -21.96 -16.38
CA SER B 174 -20.12 -21.92 -15.33
C SER B 174 -20.90 -23.23 -15.26
N GLU B 175 -21.15 -23.87 -16.41
CA GLU B 175 -21.78 -25.18 -16.40
C GLU B 175 -20.86 -26.24 -15.81
N PHE B 176 -19.56 -26.14 -16.11
CA PHE B 176 -18.55 -27.00 -15.49
C PHE B 176 -18.63 -26.92 -13.98
N ILE B 177 -18.72 -25.71 -13.44
CA ILE B 177 -18.76 -25.54 -11.98
C ILE B 177 -20.09 -26.03 -11.43
N TYR B 178 -21.19 -25.74 -12.13
CA TYR B 178 -22.49 -26.30 -11.74
C TYR B 178 -22.43 -27.82 -11.66
N GLU B 179 -21.87 -28.45 -12.69
CA GLU B 179 -21.71 -29.90 -12.68
C GLU B 179 -20.77 -30.34 -11.56
N MET B 180 -19.78 -29.50 -11.21
CA MET B 180 -18.94 -29.80 -10.05
C MET B 180 -19.77 -29.86 -8.77
N GLY B 181 -20.75 -28.97 -8.64
CA GLY B 181 -21.64 -29.02 -7.50
C GLY B 181 -22.51 -30.26 -7.49
N ARG B 182 -23.04 -30.65 -8.65
CA ARG B 182 -23.79 -31.90 -8.73
C ARG B 182 -22.92 -33.09 -8.35
N TYR B 183 -21.67 -33.10 -8.84
CA TYR B 183 -20.73 -34.16 -8.50
C TYR B 183 -20.44 -34.20 -7.00
N MET B 184 -20.24 -33.02 -6.39
CA MET B 184 -20.03 -32.96 -4.94
C MET B 184 -21.21 -33.57 -4.19
N ASP B 185 -22.42 -33.23 -4.60
CA ASP B 185 -23.62 -33.72 -3.92
C ASP B 185 -23.74 -35.24 -4.00
N GLU B 186 -23.28 -35.83 -5.10
CA GLU B 186 -23.34 -37.27 -5.29
C GLU B 186 -22.26 -38.01 -4.48
N LYS B 187 -21.05 -37.44 -4.40
CA LYS B 187 -19.90 -38.18 -3.93
C LYS B 187 -19.39 -37.76 -2.54
N LEU B 188 -19.90 -36.68 -1.98
CA LEU B 188 -19.37 -36.18 -0.72
C LEU B 188 -20.44 -36.22 0.37
N GLY B 189 -19.97 -36.32 1.59
CA GLY B 189 -20.85 -36.40 2.74
C GLY B 189 -21.17 -35.05 3.32
N LYS B 190 -21.32 -35.03 4.65
CA LYS B 190 -21.84 -33.87 5.35
C LYS B 190 -21.02 -32.61 5.11
N GLU B 191 -19.71 -32.75 4.89
CA GLU B 191 -18.72 -31.62 4.77
C GLU B 191 -19.06 -30.70 3.60
N LYS B 192 -19.81 -31.20 2.66
CA LYS B 192 -20.20 -30.40 1.51
C LYS B 192 -21.17 -29.30 1.90
N GLU B 193 -21.77 -29.39 3.09
CA GLU B 193 -22.74 -28.39 3.50
C GLU B 193 -22.10 -27.06 3.89
N LYS B 194 -20.77 -26.99 3.96
CA LYS B 194 -20.07 -25.72 4.13
C LYS B 194 -19.42 -25.24 2.84
N SER B 195 -19.83 -25.77 1.69
CA SER B 195 -19.19 -25.52 0.41
C SER B 195 -20.00 -24.54 -0.44
N VAL B 196 -19.31 -23.54 -1.00
CA VAL B 196 -19.93 -22.58 -1.91
C VAL B 196 -20.43 -23.27 -3.17
N ILE B 197 -19.60 -24.15 -3.74
CA ILE B 197 -19.95 -24.84 -4.98
C ILE B 197 -21.20 -25.69 -4.78
N TYR B 198 -21.29 -26.36 -3.63
CA TYR B 198 -22.43 -27.22 -3.36
C TYR B 198 -23.73 -26.41 -3.28
N TRP B 199 -23.74 -25.35 -2.47
CA TRP B 199 -24.95 -24.57 -2.29
C TRP B 199 -25.33 -23.80 -3.54
N ALA B 200 -24.35 -23.38 -4.34
CA ALA B 200 -24.68 -22.76 -5.62
C ALA B 200 -25.41 -23.74 -6.52
N TYR B 201 -24.97 -25.00 -6.53
CA TYR B 201 -25.67 -26.02 -7.29
C TYR B 201 -27.09 -26.22 -6.77
N LYS B 202 -27.22 -26.43 -5.45
CA LYS B 202 -28.53 -26.71 -4.88
C LYS B 202 -29.50 -25.54 -5.08
N ASN B 203 -29.00 -24.30 -5.06
CA ASN B 203 -29.84 -23.13 -5.18
C ASN B 203 -29.86 -22.55 -6.59
N ASN B 204 -29.26 -23.25 -7.55
CA ASN B 204 -29.22 -22.80 -8.95
C ASN B 204 -28.63 -21.39 -9.07
N ILE B 205 -27.57 -21.14 -8.32
CA ILE B 205 -26.83 -19.88 -8.37
C ILE B 205 -25.62 -20.08 -9.27
N PRO B 206 -25.52 -19.38 -10.41
CA PRO B 206 -24.40 -19.63 -11.32
C PRO B 206 -23.10 -19.09 -10.75
N ILE B 207 -22.02 -19.84 -10.95
CA ILE B 207 -20.68 -19.40 -10.60
C ILE B 207 -19.92 -19.23 -11.91
N PHE B 208 -19.49 -18.01 -12.18
CA PHE B 208 -18.68 -17.72 -13.35
C PHE B 208 -17.20 -17.67 -12.96
N CYS B 209 -16.36 -18.14 -13.86
CA CYS B 209 -14.92 -18.23 -13.63
C CYS B 209 -14.21 -18.28 -14.98
N PRO B 210 -14.00 -17.14 -15.63
CA PRO B 210 -13.60 -17.16 -17.05
C PRO B 210 -12.19 -17.68 -17.29
N ALA B 211 -11.37 -17.87 -16.25
CA ALA B 211 -10.02 -18.43 -16.33
C ALA B 211 -9.89 -19.63 -15.40
N ILE B 212 -10.83 -20.56 -15.50
CA ILE B 212 -10.94 -21.67 -14.55
C ILE B 212 -9.77 -22.66 -14.63
N THR B 213 -8.98 -22.60 -15.70
CA THR B 213 -7.84 -23.54 -15.89
C THR B 213 -6.54 -22.99 -15.30
N ASP B 214 -6.53 -21.77 -14.77
CA ASP B 214 -5.27 -21.23 -14.21
C ASP B 214 -5.15 -21.61 -12.74
N GLY B 215 -4.88 -22.88 -12.47
CA GLY B 215 -4.81 -23.37 -11.09
C GLY B 215 -4.66 -24.87 -11.05
N SER B 216 -5.03 -25.46 -9.93
CA SER B 216 -4.90 -26.90 -9.70
C SER B 216 -5.74 -27.71 -10.69
N ILE B 217 -6.97 -27.27 -10.94
CA ILE B 217 -7.79 -27.94 -11.95
C ILE B 217 -7.07 -27.97 -13.28
N GLY B 218 -6.48 -26.82 -13.67
CA GLY B 218 -5.72 -26.80 -14.91
C GLY B 218 -4.51 -27.73 -14.87
N ASP B 219 -3.85 -27.82 -13.72
CA ASP B 219 -2.70 -28.71 -13.61
C ASP B 219 -3.11 -30.17 -13.83
N MET B 220 -4.24 -30.59 -13.25
CA MET B 220 -4.67 -31.97 -13.40
C MET B 220 -5.20 -32.23 -14.80
N LEU B 221 -5.89 -31.25 -15.39
CA LEU B 221 -6.29 -31.38 -16.78
C LEU B 221 -5.07 -31.56 -17.69
N TYR B 222 -3.96 -30.89 -17.35
CA TYR B 222 -2.74 -31.04 -18.14
C TYR B 222 -2.28 -32.48 -18.18
N PHE B 223 -2.17 -33.12 -17.01
CA PHE B 223 -1.76 -34.52 -16.96
C PHE B 223 -2.78 -35.41 -17.63
N PHE B 224 -4.07 -35.12 -17.43
CA PHE B 224 -5.14 -35.86 -18.09
C PHE B 224 -4.99 -35.80 -19.61
N LYS B 225 -4.86 -34.59 -20.16
CA LYS B 225 -4.79 -34.45 -21.60
C LYS B 225 -3.47 -34.98 -22.15
N GLU B 226 -2.37 -34.72 -21.43
CA GLU B 226 -1.05 -35.14 -21.90
C GLU B 226 -0.92 -36.65 -21.95
N GLU B 227 -1.43 -37.36 -20.93
CA GLU B 227 -1.31 -38.80 -20.87
C GLU B 227 -2.32 -39.52 -21.76
N ARG B 228 -3.49 -38.93 -21.97
CA ARG B 228 -4.53 -39.54 -22.78
C ARG B 228 -4.58 -39.01 -24.20
N ARG B 229 -3.67 -38.10 -24.55
CA ARG B 229 -3.66 -37.42 -25.85
C ARG B 229 -5.05 -36.93 -26.20
N ASP B 230 -5.66 -36.25 -25.24
CA ASP B 230 -7.01 -35.73 -25.39
C ASP B 230 -6.96 -34.27 -25.85
N SER B 231 -7.77 -33.98 -26.85
CA SER B 231 -8.01 -32.58 -27.23
C SER B 231 -9.52 -32.34 -27.23
N ARG B 232 -10.31 -33.39 -27.06
CA ARG B 232 -11.79 -33.36 -27.06
C ARG B 232 -12.41 -32.70 -25.82
N LEU B 233 -11.78 -32.74 -24.66
CA LEU B 233 -12.41 -32.11 -23.48
C LEU B 233 -12.22 -30.60 -23.62
N ILE B 234 -13.30 -29.87 -23.83
CA ILE B 234 -13.28 -28.45 -24.09
C ILE B 234 -13.91 -27.72 -22.92
N ILE B 235 -13.37 -26.56 -22.59
CA ILE B 235 -14.03 -25.62 -21.69
C ILE B 235 -14.19 -24.31 -22.43
N ASP B 236 -15.43 -23.97 -22.75
CA ASP B 236 -15.72 -22.77 -23.53
C ASP B 236 -15.96 -21.58 -22.62
N ILE B 237 -15.48 -20.42 -23.05
CA ILE B 237 -15.77 -19.16 -22.35
C ILE B 237 -16.52 -18.17 -23.22
N ALA B 238 -16.66 -18.42 -24.52
CA ALA B 238 -17.38 -17.49 -25.39
C ALA B 238 -18.85 -17.40 -25.00
N ASN B 239 -19.48 -18.53 -24.70
CA ASN B 239 -20.91 -18.51 -24.41
C ASN B 239 -21.22 -18.11 -22.98
N ASP B 240 -20.22 -18.11 -22.08
CA ASP B 240 -20.47 -17.63 -20.71
C ASP B 240 -20.64 -16.12 -20.66
N ILE B 241 -19.91 -15.39 -21.50
CA ILE B 241 -20.03 -13.93 -21.44
C ILE B 241 -21.46 -13.51 -21.78
N VAL B 242 -22.13 -14.31 -22.62
CA VAL B 242 -23.55 -14.07 -22.91
C VAL B 242 -24.39 -14.33 -21.65
N LYS B 243 -24.15 -15.45 -20.99
CA LYS B 243 -24.91 -15.77 -19.78
C LYS B 243 -24.72 -14.72 -18.69
N LEU B 244 -23.48 -14.29 -18.48
CA LEU B 244 -23.20 -13.33 -17.41
C LEU B 244 -23.77 -11.95 -17.74
N ASN B 245 -23.55 -11.47 -18.97
CA ASN B 245 -24.01 -10.13 -19.32
C ASN B 245 -25.53 -10.06 -19.31
N ASN B 246 -26.20 -11.13 -19.76
CA ASN B 246 -27.66 -11.14 -19.73
C ASN B 246 -28.18 -11.05 -18.31
N LEU B 247 -27.50 -11.68 -17.35
CA LEU B 247 -27.94 -11.61 -15.97
C LEU B 247 -27.91 -10.19 -15.43
N ALA B 248 -27.03 -9.35 -15.95
CA ALA B 248 -27.01 -7.96 -15.53
C ALA B 248 -28.01 -7.11 -16.32
N ILE B 249 -28.11 -7.34 -17.63
CA ILE B 249 -28.98 -6.51 -18.47
C ILE B 249 -30.46 -6.78 -18.16
N THR B 250 -30.81 -8.03 -17.86
CA THR B 250 -32.20 -8.41 -17.63
C THR B 250 -32.71 -8.08 -16.24
N ALA B 251 -31.84 -7.58 -15.37
CA ALA B 251 -32.23 -7.28 -14.00
C ALA B 251 -32.80 -5.88 -13.93
N LYS B 252 -33.81 -5.68 -13.08
CA LYS B 252 -34.33 -4.33 -12.90
C LYS B 252 -33.32 -3.47 -12.17
N GLU B 253 -32.73 -4.00 -11.10
CA GLU B 253 -31.64 -3.35 -10.40
C GLU B 253 -30.58 -4.40 -10.10
N THR B 254 -29.33 -3.95 -9.99
CA THR B 254 -28.24 -4.85 -9.61
C THR B 254 -27.46 -4.25 -8.46
N ALA B 255 -26.90 -5.13 -7.65
CA ALA B 255 -25.95 -4.78 -6.61
C ALA B 255 -24.69 -5.60 -6.80
N SER B 256 -23.54 -4.99 -6.54
CA SER B 256 -22.23 -5.63 -6.65
C SER B 256 -21.56 -5.62 -5.29
N ILE B 257 -21.19 -6.80 -4.80
CA ILE B 257 -20.37 -6.94 -3.60
C ILE B 257 -19.10 -7.66 -4.02
N ILE B 258 -17.98 -6.95 -3.98
CA ILE B 258 -16.76 -7.42 -4.62
C ILE B 258 -15.63 -7.37 -3.60
N LEU B 259 -15.05 -8.53 -3.31
CA LEU B 259 -13.92 -8.65 -2.40
C LEU B 259 -12.65 -8.86 -3.22
N GLY B 260 -11.75 -7.90 -3.15
CA GLY B 260 -10.49 -7.96 -3.91
C GLY B 260 -10.64 -7.39 -5.31
N GLY B 261 -9.61 -7.55 -6.10
CA GLY B 261 -9.60 -7.03 -7.47
C GLY B 261 -9.60 -8.15 -8.46
N SER B 262 -8.70 -8.05 -9.43
CA SER B 262 -8.49 -9.09 -10.46
C SER B 262 -9.72 -9.29 -11.35
N LEU B 263 -9.86 -10.48 -11.93
CA LEU B 263 -10.90 -10.84 -12.92
C LEU B 263 -12.33 -10.71 -12.38
N PRO B 264 -12.68 -11.12 -11.14
CA PRO B 264 -14.05 -11.02 -10.70
C PRO B 264 -14.58 -9.58 -10.66
N LYS B 265 -13.78 -8.64 -10.16
CA LYS B 265 -14.17 -7.22 -10.11
C LYS B 265 -14.34 -6.67 -11.52
N HIS B 266 -13.39 -6.95 -12.41
CA HIS B 266 -13.48 -6.50 -13.78
C HIS B 266 -14.69 -7.09 -14.47
N ALA B 267 -14.94 -8.39 -14.28
CA ALA B 267 -16.04 -9.06 -14.95
C ALA B 267 -17.39 -8.52 -14.52
N ILE B 268 -17.57 -8.26 -13.21
CA ILE B 268 -18.87 -7.80 -12.74
C ILE B 268 -19.10 -6.36 -13.19
N ILE B 269 -18.07 -5.52 -13.11
CA ILE B 269 -18.19 -4.15 -13.59
C ILE B 269 -18.47 -4.15 -15.09
N ASN B 270 -17.79 -5.03 -15.83
CA ASN B 270 -17.98 -5.08 -17.28
C ASN B 270 -19.40 -5.51 -17.64
N ALA B 271 -19.94 -6.51 -16.92
CA ALA B 271 -21.29 -6.98 -17.21
C ALA B 271 -22.33 -5.90 -16.92
N ASN B 272 -22.10 -5.09 -15.90
CA ASN B 272 -23.01 -3.99 -15.57
C ASN B 272 -22.78 -2.76 -16.43
N LEU B 273 -21.82 -2.76 -17.36
CA LEU B 273 -21.54 -1.57 -18.20
C LEU B 273 -22.72 -1.21 -19.10
N PHE B 274 -23.39 -2.21 -19.66
CA PHE B 274 -24.49 -2.00 -20.63
C PHE B 274 -25.65 -1.25 -20.00
N ARG B 275 -25.93 -1.46 -18.71
CA ARG B 275 -27.06 -0.80 -18.00
C ARG B 275 -26.62 0.48 -17.28
N GLY B 276 -25.47 1.07 -17.62
CA GLY B 276 -25.03 2.24 -16.91
C GLY B 276 -24.45 2.00 -15.54
N GLY B 277 -24.04 0.78 -15.24
CA GLY B 277 -23.42 0.47 -13.96
C GLY B 277 -24.40 -0.14 -12.97
N THR B 278 -23.83 -0.74 -11.93
CA THR B 278 -24.64 -1.34 -10.89
C THR B 278 -25.36 -0.25 -10.10
N ASP B 279 -26.47 -0.61 -9.46
CA ASP B 279 -27.24 0.35 -8.70
C ASP B 279 -26.72 0.52 -7.27
N TYR B 280 -26.14 -0.53 -6.69
CA TYR B 280 -25.45 -0.47 -5.42
C TYR B 280 -24.14 -1.23 -5.54
N ALA B 281 -23.11 -0.75 -4.86
CA ALA B 281 -21.79 -1.36 -4.93
C ALA B 281 -21.11 -1.28 -3.57
N ILE B 282 -20.59 -2.41 -3.11
CA ILE B 282 -19.71 -2.47 -1.95
C ILE B 282 -18.45 -3.20 -2.40
N TYR B 283 -17.32 -2.50 -2.38
CA TYR B 283 -16.03 -3.06 -2.75
C TYR B 283 -15.15 -3.10 -1.51
N ILE B 284 -14.47 -4.23 -1.29
CA ILE B 284 -13.52 -4.37 -0.20
C ILE B 284 -12.22 -4.86 -0.81
N SER B 285 -11.15 -4.08 -0.64
CA SER B 285 -9.89 -4.43 -1.30
C SER B 285 -8.73 -3.79 -0.56
N THR B 286 -7.56 -4.42 -0.69
CA THR B 286 -6.30 -3.86 -0.20
C THR B 286 -5.56 -3.09 -1.28
N ALA B 287 -5.99 -3.23 -2.52
CA ALA B 287 -5.37 -2.48 -3.63
C ALA B 287 -5.64 -1.00 -3.41
N VAL B 288 -4.60 -0.17 -3.52
CA VAL B 288 -4.83 1.28 -3.39
C VAL B 288 -5.40 1.77 -4.71
N PRO B 289 -6.58 2.41 -4.70
CA PRO B 289 -7.23 2.86 -5.90
C PRO B 289 -6.57 4.12 -6.46
N ALA B 312 -24.11 7.63 -3.13
CA ALA B 312 -24.05 7.25 -1.72
C ALA B 312 -24.56 5.82 -1.51
N ASP B 313 -24.89 5.15 -2.63
CA ASP B 313 -25.12 3.72 -2.65
C ASP B 313 -23.88 2.98 -3.15
N TYR B 314 -22.73 3.64 -3.14
CA TYR B 314 -21.47 3.08 -3.59
C TYR B 314 -20.41 3.41 -2.56
N VAL B 315 -19.62 2.42 -2.17
CA VAL B 315 -18.57 2.62 -1.18
C VAL B 315 -17.48 1.59 -1.39
N GLU B 316 -16.24 1.98 -1.12
CA GLU B 316 -15.12 1.08 -1.04
C GLU B 316 -14.55 1.12 0.37
N VAL B 317 -14.36 -0.05 0.97
CA VAL B 317 -13.68 -0.17 2.25
C VAL B 317 -12.28 -0.69 1.97
N TRP B 318 -11.27 0.11 2.30
CA TRP B 318 -9.90 -0.27 2.06
C TRP B 318 -9.41 -1.11 3.24
N GLY B 319 -9.07 -2.36 2.97
CA GLY B 319 -8.53 -3.23 4.00
C GLY B 319 -8.65 -4.69 3.63
N ASP B 320 -8.11 -5.52 4.52
CA ASP B 320 -8.18 -6.98 4.38
C ASP B 320 -9.61 -7.44 4.61
N ALA B 321 -10.15 -8.20 3.64
CA ALA B 321 -11.54 -8.65 3.75
C ALA B 321 -11.73 -9.62 4.92
N THR B 322 -10.69 -10.34 5.33
CA THR B 322 -10.86 -11.23 6.48
C THR B 322 -11.13 -10.44 7.76
N LEU B 323 -10.63 -9.20 7.86
CA LEU B 323 -11.01 -8.33 8.97
C LEU B 323 -12.42 -7.78 8.80
N ILE B 324 -12.77 -7.35 7.60
CA ILE B 324 -13.95 -6.52 7.37
C ILE B 324 -15.20 -7.35 7.11
N PHE B 325 -15.10 -8.34 6.22
CA PHE B 325 -16.29 -9.05 5.76
C PHE B 325 -17.09 -9.71 6.88
N PRO B 326 -16.50 -10.43 7.84
CA PRO B 326 -17.34 -11.00 8.90
C PRO B 326 -18.14 -9.96 9.67
N ILE B 327 -17.53 -8.79 9.95
CA ILE B 327 -18.27 -7.71 10.60
C ILE B 327 -19.43 -7.24 9.72
N LEU B 328 -19.15 -7.01 8.45
CA LEU B 328 -20.17 -6.52 7.54
C LEU B 328 -21.34 -7.50 7.45
N VAL B 329 -21.05 -8.79 7.27
CA VAL B 329 -22.11 -9.78 7.09
C VAL B 329 -22.94 -9.91 8.36
N TRP B 330 -22.30 -9.95 9.53
CA TRP B 330 -23.06 -10.07 10.77
C TRP B 330 -23.98 -8.87 10.98
N MET B 331 -23.44 -7.66 10.78
CA MET B 331 -24.24 -6.46 11.02
C MET B 331 -25.39 -6.35 10.02
N VAL B 332 -25.18 -6.81 8.78
CA VAL B 332 -26.24 -6.76 7.78
C VAL B 332 -27.26 -7.87 8.00
N MET B 333 -26.81 -9.09 8.23
CA MET B 333 -27.66 -10.27 8.15
C MET B 333 -28.16 -10.79 9.49
N LYS B 334 -27.47 -10.47 10.59
CA LYS B 334 -27.78 -11.09 11.87
C LYS B 334 -27.96 -10.12 13.03
N ALA B 335 -27.40 -8.91 12.97
CA ALA B 335 -27.55 -7.99 14.09
C ALA B 335 -28.99 -7.53 14.19
N ARG B 336 -29.59 -7.71 15.37
CA ARG B 336 -31.01 -7.55 15.55
C ARG B 336 -31.33 -6.39 16.50
N GLU C 15 33.89 -6.97 5.06
CA GLU C 15 33.38 -5.68 4.51
C GLU C 15 32.57 -5.93 3.24
N GLY C 16 31.23 -5.73 3.31
CA GLY C 16 30.28 -5.92 2.21
C GLY C 16 30.17 -4.70 1.31
N VAL C 17 29.23 -4.68 0.36
CA VAL C 17 29.13 -3.49 -0.54
C VAL C 17 28.68 -2.24 0.22
N GLU C 18 29.37 -1.15 -0.05
CA GLU C 18 29.16 0.18 0.53
C GLU C 18 27.92 0.84 -0.08
N VAL C 19 27.05 1.33 0.79
CA VAL C 19 25.86 2.05 0.34
C VAL C 19 26.30 3.46 -0.07
N LYS C 20 26.17 3.77 -1.36
CA LYS C 20 26.59 5.08 -1.84
C LYS C 20 25.83 5.42 -3.11
N GLY C 21 25.37 6.67 -3.19
CA GLY C 21 24.74 7.16 -4.39
C GLY C 21 25.72 7.87 -5.29
N PRO C 22 25.30 8.20 -6.51
CA PRO C 22 26.20 8.91 -7.43
C PRO C 22 26.48 10.32 -6.95
N TRP C 23 27.73 10.75 -7.11
CA TRP C 23 28.10 12.14 -6.91
C TRP C 23 27.91 12.88 -8.22
N LEU C 24 27.02 13.87 -8.23
CA LEU C 24 26.57 14.45 -9.49
C LEU C 24 27.58 15.38 -10.13
N ASP C 25 28.67 15.73 -9.45
CA ASP C 25 29.75 16.44 -10.13
C ASP C 25 30.53 15.52 -11.05
N ASP C 26 30.54 14.21 -10.79
CA ASP C 26 31.32 13.25 -11.56
C ASP C 26 30.48 12.45 -12.54
N ALA C 27 29.23 12.14 -12.23
CA ALA C 27 28.39 11.37 -13.12
C ALA C 27 28.15 12.13 -14.42
N GLN C 28 28.32 11.44 -15.55
CA GLN C 28 28.26 12.08 -16.86
C GLN C 28 27.02 11.74 -17.67
N SER C 29 26.16 10.85 -17.18
CA SER C 29 24.96 10.47 -17.92
C SER C 29 23.94 9.88 -16.96
N LEU C 30 22.68 9.86 -17.40
CA LEU C 30 21.64 9.20 -16.62
C LEU C 30 21.92 7.71 -16.49
N GLU C 31 22.49 7.09 -17.53
CA GLU C 31 22.90 5.70 -17.43
C GLU C 31 23.89 5.50 -16.30
N GLU C 32 24.84 6.44 -16.16
CA GLU C 32 25.82 6.32 -15.07
C GLU C 32 25.14 6.45 -13.71
N VAL C 33 24.20 7.39 -13.58
CA VAL C 33 23.43 7.52 -12.35
C VAL C 33 22.76 6.19 -12.00
N VAL C 34 22.12 5.56 -13.00
CA VAL C 34 21.36 4.34 -12.75
C VAL C 34 22.29 3.17 -12.42
N SER C 35 23.52 3.20 -12.93
CA SER C 35 24.47 2.13 -12.60
C SER C 35 24.76 2.06 -11.10
N TYR C 36 24.50 3.15 -10.36
CA TYR C 36 24.66 3.16 -8.91
C TYR C 36 23.48 2.53 -8.17
N TYR C 37 22.39 2.19 -8.85
CA TYR C 37 21.15 1.84 -8.17
C TYR C 37 21.31 0.61 -7.29
N TYR C 38 22.11 -0.37 -7.73
CA TYR C 38 22.35 -1.54 -6.91
C TYR C 38 22.96 -1.19 -5.55
N ARG C 39 23.60 -0.01 -5.44
CA ARG C 39 24.27 0.44 -4.23
C ARG C 39 23.45 1.44 -3.42
N ILE C 40 22.35 1.91 -3.97
CA ILE C 40 21.56 2.99 -3.31
C ILE C 40 20.70 2.44 -2.18
N GLY C 41 20.31 1.17 -2.25
CA GLY C 41 19.46 0.55 -1.23
C GLY C 41 17.98 0.59 -1.57
N PHE C 42 17.19 -0.10 -0.76
CA PHE C 42 15.72 -0.20 -0.91
C PHE C 42 15.35 -0.71 -2.31
N GLN C 43 14.40 -0.04 -2.96
CA GLN C 43 13.94 -0.52 -4.28
C GLN C 43 14.99 -0.25 -5.35
N ALA C 44 15.73 0.85 -5.28
CA ALA C 44 16.79 1.08 -6.24
C ALA C 44 17.71 -0.12 -6.32
N THR C 45 18.06 -0.69 -5.16
CA THR C 45 18.89 -1.90 -5.14
C THR C 45 18.21 -3.04 -5.90
N HIS C 46 16.89 -3.19 -5.74
CA HIS C 46 16.17 -4.23 -6.45
C HIS C 46 16.17 -4.00 -7.96
N LEU C 47 15.97 -2.75 -8.40
CA LEU C 47 16.06 -2.45 -9.83
C LEU C 47 17.46 -2.73 -10.35
N GLY C 48 18.47 -2.39 -9.56
CA GLY C 48 19.84 -2.75 -9.94
C GLY C 48 20.01 -4.24 -10.12
N ARG C 49 19.47 -5.04 -9.21
CA ARG C 49 19.58 -6.51 -9.34
C ARG C 49 18.78 -7.00 -10.56
N ALA C 50 17.60 -6.43 -10.78
CA ALA C 50 16.80 -6.81 -11.95
C ALA C 50 17.57 -6.56 -13.24
N ILE C 51 18.25 -5.40 -13.34
CA ILE C 51 18.98 -5.04 -14.55
C ILE C 51 20.00 -6.11 -14.90
N GLU C 52 20.74 -6.52 -13.92
CA GLU C 52 21.80 -7.49 -14.19
C GLU C 52 21.39 -8.94 -14.06
N ILE C 53 20.20 -9.26 -13.54
CA ILE C 53 19.63 -10.59 -13.82
C ILE C 53 19.25 -10.71 -15.29
N TRP C 54 18.56 -9.69 -15.82
CA TRP C 54 18.13 -9.74 -17.22
C TRP C 54 19.32 -9.62 -18.17
N ARG C 55 20.39 -8.95 -17.74
CA ARG C 55 21.58 -8.86 -18.57
C ARG C 55 22.20 -10.24 -18.81
N LYS C 56 22.28 -11.07 -17.75
CA LYS C 56 22.68 -12.47 -17.95
C LYS C 56 21.82 -13.14 -19.01
N VAL C 57 20.50 -13.15 -18.75
CA VAL C 57 19.58 -13.91 -19.59
C VAL C 57 19.72 -13.46 -21.04
N GLU C 58 19.86 -12.15 -21.25
CA GLU C 58 19.99 -11.62 -22.60
C GLU C 58 21.33 -12.01 -23.21
N GLU C 59 22.42 -11.85 -22.45
CA GLU C 59 23.72 -12.28 -22.96
C GLU C 59 23.75 -13.80 -23.18
N LYS C 60 23.17 -14.56 -22.25
CA LYS C 60 23.10 -16.01 -22.43
C LYS C 60 22.31 -16.37 -23.68
N ARG C 61 21.23 -15.64 -23.95
CA ARG C 61 20.43 -15.91 -25.14
C ARG C 61 21.19 -15.60 -26.41
N GLU C 62 21.92 -14.49 -26.43
CA GLU C 62 22.67 -14.10 -27.62
C GLU C 62 23.86 -15.03 -27.89
N ARG C 63 24.29 -15.80 -26.91
CA ARG C 63 25.31 -16.82 -27.11
C ARG C 63 24.72 -18.15 -27.53
N GLY C 64 23.46 -18.18 -27.93
CA GLY C 64 22.82 -19.38 -28.41
C GLY C 64 22.32 -20.31 -27.34
N GLU C 65 22.49 -19.92 -26.08
CA GLU C 65 21.96 -20.69 -24.92
C GLU C 65 20.45 -20.54 -24.90
N GLU C 66 19.72 -21.60 -24.59
CA GLU C 66 18.27 -21.57 -24.64
C GLU C 66 17.69 -21.28 -23.26
N ILE C 67 17.17 -20.07 -23.08
CA ILE C 67 16.33 -19.71 -21.94
C ILE C 67 15.02 -19.18 -22.52
N ARG C 68 13.92 -19.87 -22.24
CA ARG C 68 12.63 -19.43 -22.74
C ARG C 68 12.07 -18.36 -21.81
N VAL C 69 11.89 -17.16 -22.33
CA VAL C 69 11.54 -15.99 -21.53
C VAL C 69 10.03 -15.79 -21.58
N PHE C 70 9.38 -15.97 -20.42
CA PHE C 70 7.96 -15.73 -20.26
C PHE C 70 7.73 -14.29 -19.80
N LEU C 71 6.92 -13.54 -20.55
CA LEU C 71 6.58 -12.17 -20.22
C LEU C 71 5.09 -12.08 -19.87
N GLY C 72 4.80 -11.58 -18.69
CA GLY C 72 3.42 -11.41 -18.26
C GLY C 72 3.16 -9.99 -17.84
N TYR C 73 1.97 -9.49 -18.17
CA TYR C 73 1.58 -8.14 -17.80
C TYR C 73 0.06 -8.04 -17.76
N THR C 74 -0.42 -7.09 -16.95
CA THR C 74 -1.84 -6.79 -16.84
C THR C 74 -2.19 -5.67 -17.80
N SER C 75 -3.49 -5.33 -17.87
CA SER C 75 -3.96 -4.42 -18.91
C SER C 75 -3.42 -3.00 -18.74
N ASN C 76 -3.18 -2.56 -17.50
CA ASN C 76 -2.61 -1.23 -17.26
C ASN C 76 -1.28 -1.04 -17.98
N ILE C 77 -0.49 -2.11 -18.12
CA ILE C 77 0.77 -2.01 -18.86
C ILE C 77 0.50 -1.61 -20.31
N ILE C 78 -0.51 -2.22 -20.93
CA ILE C 78 -0.83 -1.88 -22.32
C ILE C 78 -1.57 -0.54 -22.43
N SER C 79 -2.36 -0.18 -21.42
CA SER C 79 -3.00 1.13 -21.43
C SER C 79 -1.97 2.25 -21.48
N SER C 80 -0.84 2.06 -20.81
CA SER C 80 0.21 3.06 -20.72
C SER C 80 1.10 3.03 -21.96
N GLY C 81 2.06 3.95 -22.00
CA GLY C 81 3.04 3.99 -23.07
C GLY C 81 4.02 2.84 -23.06
N LEU C 82 4.00 2.00 -22.02
CA LEU C 82 4.83 0.80 -22.02
C LEU C 82 4.47 -0.12 -23.18
N ARG C 83 3.26 0.05 -23.74
CA ARG C 83 2.83 -0.75 -24.89
C ARG C 83 3.87 -0.74 -26.01
N GLU C 84 4.46 0.42 -26.30
CA GLU C 84 5.48 0.50 -27.35
C GLU C 84 6.75 -0.25 -26.96
N ILE C 85 7.11 -0.24 -25.67
CA ILE C 85 8.28 -0.99 -25.22
C ILE C 85 8.03 -2.49 -25.28
N ILE C 86 6.84 -2.93 -24.86
CA ILE C 86 6.47 -4.34 -25.03
C ILE C 86 6.52 -4.72 -26.50
N ALA C 87 5.99 -3.87 -27.37
CA ALA C 87 5.96 -4.20 -28.79
C ALA C 87 7.37 -4.36 -29.33
N TRP C 88 8.27 -3.46 -28.97
CA TRP C 88 9.67 -3.58 -29.39
C TRP C 88 10.28 -4.87 -28.90
N LEU C 89 10.02 -5.25 -27.63
CA LEU C 89 10.57 -6.48 -27.08
C LEU C 89 10.13 -7.70 -27.89
N VAL C 90 8.89 -7.68 -28.36
CA VAL C 90 8.37 -8.78 -29.16
C VAL C 90 8.94 -8.73 -30.58
N LYS C 91 9.00 -7.54 -31.17
CA LYS C 91 9.61 -7.41 -32.50
C LYS C 91 11.03 -7.94 -32.50
N GLU C 92 11.80 -7.60 -31.48
CA GLU C 92 13.21 -7.95 -31.39
C GLU C 92 13.43 -9.33 -30.77
N LYS C 93 12.37 -10.11 -30.57
CA LYS C 93 12.47 -11.48 -30.06
C LYS C 93 13.20 -11.55 -28.72
N LYS C 94 13.00 -10.52 -27.89
CA LYS C 94 13.57 -10.55 -26.55
C LYS C 94 12.78 -11.42 -25.59
N VAL C 95 11.55 -11.80 -25.97
CA VAL C 95 10.72 -12.70 -25.17
C VAL C 95 10.16 -13.77 -26.08
N ASP C 96 9.77 -14.91 -25.48
CA ASP C 96 9.31 -16.07 -26.23
C ASP C 96 7.85 -16.39 -26.01
N VAL C 97 7.30 -16.06 -24.85
CA VAL C 97 5.94 -16.42 -24.46
C VAL C 97 5.33 -15.23 -23.73
N ILE C 98 4.08 -14.93 -24.05
CA ILE C 98 3.36 -13.84 -23.40
C ILE C 98 2.10 -14.39 -22.74
N VAL C 99 1.85 -13.96 -21.51
CA VAL C 99 0.55 -14.12 -20.86
C VAL C 99 0.06 -12.72 -20.48
N THR C 100 -1.19 -12.42 -20.81
CA THR C 100 -1.76 -11.13 -20.44
C THR C 100 -3.24 -11.31 -20.14
N THR C 101 -3.94 -10.19 -19.96
CA THR C 101 -5.36 -10.18 -19.68
C THR C 101 -6.12 -9.73 -20.92
N ALA C 102 -7.46 -9.78 -20.83
CA ALA C 102 -8.29 -9.36 -21.95
C ALA C 102 -7.99 -7.92 -22.34
N GLY C 103 -7.86 -7.03 -21.35
CA GLY C 103 -7.48 -5.66 -21.66
C GLY C 103 -6.11 -5.54 -22.29
N GLY C 104 -5.18 -6.41 -21.90
CA GLY C 104 -3.85 -6.40 -22.50
C GLY C 104 -3.88 -6.73 -23.99
N VAL C 105 -4.83 -7.55 -24.42
CA VAL C 105 -4.94 -7.87 -25.84
C VAL C 105 -5.65 -6.75 -26.58
N GLU C 106 -6.90 -6.47 -26.20
CA GLU C 106 -7.76 -5.61 -27.00
C GLU C 106 -7.21 -4.19 -27.08
N GLU C 107 -6.64 -3.67 -25.98
CA GLU C 107 -6.13 -2.32 -26.00
C GLU C 107 -4.94 -2.17 -26.94
N ASP C 108 -4.15 -3.23 -27.10
CA ASP C 108 -3.06 -3.19 -28.08
C ASP C 108 -3.61 -3.07 -29.50
N PHE C 109 -4.69 -3.78 -29.80
CA PHE C 109 -5.37 -3.63 -31.08
C PHE C 109 -5.94 -2.22 -31.23
N ILE C 110 -6.74 -1.78 -30.24
CA ILE C 110 -7.42 -0.49 -30.34
C ILE C 110 -6.42 0.64 -30.57
N LYS C 111 -5.28 0.60 -29.87
CA LYS C 111 -4.26 1.65 -30.03
C LYS C 111 -3.74 1.72 -31.45
N SER C 112 -3.79 0.61 -32.18
CA SER C 112 -3.42 0.62 -33.60
C SER C 112 -4.46 1.31 -34.46
N LEU C 113 -5.64 1.59 -33.93
CA LEU C 113 -6.70 2.28 -34.66
C LEU C 113 -6.74 3.77 -34.28
N LYS C 114 -6.88 4.06 -32.99
CA LYS C 114 -6.85 5.42 -32.46
C LYS C 114 -6.10 5.41 -31.14
N PRO C 115 -5.36 6.48 -30.84
CA PRO C 115 -4.55 6.49 -29.62
C PRO C 115 -5.36 6.72 -28.36
N PHE C 116 -4.80 6.29 -27.25
CA PHE C 116 -5.32 6.69 -25.95
C PHE C 116 -4.83 8.11 -25.65
N ILE C 117 -5.55 8.80 -24.77
CA ILE C 117 -5.32 10.22 -24.53
C ILE C 117 -5.05 10.43 -23.04
N LEU C 118 -4.05 11.23 -22.74
CA LEU C 118 -3.67 11.56 -21.36
C LEU C 118 -4.63 12.61 -20.79
N GLY C 119 -5.31 12.25 -19.70
CA GLY C 119 -6.22 13.16 -18.99
C GLY C 119 -5.67 13.45 -17.61
N ASP C 120 -6.47 13.20 -16.57
CA ASP C 120 -6.11 13.46 -15.16
C ASP C 120 -6.94 12.53 -14.27
N TRP C 121 -6.28 11.85 -13.33
CA TRP C 121 -6.92 10.87 -12.41
C TRP C 121 -8.18 11.48 -11.78
N ASP C 124 -14.39 14.09 -11.79
CA ASP C 124 -15.45 14.48 -12.76
C ASP C 124 -15.87 13.22 -13.51
N ASP C 125 -16.01 12.10 -12.80
CA ASP C 125 -16.42 10.81 -13.40
C ASP C 125 -17.83 10.94 -14.00
N ALA C 126 -18.72 11.70 -13.34
CA ALA C 126 -20.08 11.89 -13.87
C ALA C 126 -19.99 12.55 -15.25
N GLU C 127 -19.12 13.55 -15.42
CA GLU C 127 -18.97 14.20 -16.74
C GLU C 127 -18.43 13.18 -17.75
N LEU C 128 -17.51 12.32 -17.32
CA LEU C 128 -16.88 11.31 -18.22
C LEU C 128 -17.95 10.34 -18.74
N ARG C 129 -18.85 9.89 -17.87
CA ARG C 129 -19.89 8.94 -18.33
C ARG C 129 -20.79 9.63 -19.37
N LYS C 130 -21.13 10.88 -19.11
CA LYS C 130 -21.99 11.69 -20.02
C LYS C 130 -21.30 11.83 -21.38
N LYS C 131 -19.98 12.03 -21.37
CA LYS C 131 -19.20 12.22 -22.61
C LYS C 131 -18.76 10.87 -23.20
N GLY C 132 -19.14 9.76 -22.58
CA GLY C 132 -18.78 8.40 -23.02
C GLY C 132 -17.29 8.17 -23.03
N VAL C 133 -16.57 8.73 -22.05
CA VAL C 133 -15.11 8.52 -22.00
C VAL C 133 -14.81 7.51 -20.91
N ASN C 134 -14.07 6.48 -21.27
CA ASN C 134 -13.64 5.45 -20.32
C ASN C 134 -12.32 5.94 -19.73
N ARG C 135 -12.23 6.00 -18.41
CA ARG C 135 -11.00 6.48 -17.76
C ARG C 135 -10.27 5.32 -17.09
N ILE C 136 -8.97 5.25 -17.34
CA ILE C 136 -8.05 4.23 -16.76
C ILE C 136 -6.98 5.02 -16.04
N GLY C 137 -7.15 5.22 -14.73
CA GLY C 137 -6.23 6.06 -14.00
C GLY C 137 -6.26 7.48 -14.52
N ASN C 138 -5.17 7.93 -15.12
CA ASN C 138 -5.11 9.24 -15.75
C ASN C 138 -5.07 9.13 -17.28
N ILE C 139 -5.57 8.03 -17.84
CA ILE C 139 -5.58 7.80 -19.28
C ILE C 139 -7.03 7.69 -19.74
N PHE C 140 -7.37 8.42 -20.80
CA PHE C 140 -8.73 8.51 -21.32
C PHE C 140 -8.86 7.73 -22.63
N VAL C 141 -9.93 6.95 -22.75
CA VAL C 141 -10.27 6.27 -23.99
C VAL C 141 -11.64 6.78 -24.45
N PRO C 142 -11.68 7.66 -25.44
CA PRO C 142 -12.97 8.13 -25.96
C PRO C 142 -13.77 7.01 -26.62
N ASN C 143 -15.09 7.21 -26.64
CA ASN C 143 -16.01 6.17 -27.05
C ASN C 143 -15.74 5.69 -28.48
N ASP C 144 -15.37 6.60 -29.38
CA ASP C 144 -15.20 6.21 -30.77
C ASP C 144 -14.08 5.20 -30.97
N ARG C 145 -13.18 5.06 -29.98
CA ARG C 145 -12.19 3.99 -30.03
C ARG C 145 -12.85 2.62 -30.03
N TYR C 146 -13.89 2.44 -29.21
CA TYR C 146 -14.54 1.14 -29.10
C TYR C 146 -15.45 0.87 -30.29
N ILE C 147 -16.02 1.92 -30.89
CA ILE C 147 -16.82 1.75 -32.10
C ILE C 147 -15.93 1.32 -33.25
N GLU C 148 -14.76 1.96 -33.39
CA GLU C 148 -13.81 1.57 -34.43
C GLU C 148 -13.37 0.13 -34.21
N PHE C 149 -13.15 -0.26 -32.96
CA PHE C 149 -12.74 -1.62 -32.64
C PHE C 149 -13.83 -2.62 -33.05
N GLU C 150 -15.10 -2.27 -32.80
CA GLU C 150 -16.19 -3.14 -33.22
C GLU C 150 -16.21 -3.35 -34.73
N LYS C 151 -15.93 -2.28 -35.49
CA LYS C 151 -15.89 -2.38 -36.94
C LYS C 151 -14.91 -3.45 -37.39
N TYR C 152 -13.81 -3.65 -36.66
CA TYR C 152 -12.85 -4.69 -37.01
C TYR C 152 -13.17 -6.04 -36.37
N MET C 153 -13.74 -6.05 -35.16
CA MET C 153 -13.91 -7.33 -34.46
C MET C 153 -15.06 -8.16 -35.02
N ILE C 154 -16.14 -7.52 -35.47
CA ILE C 154 -17.28 -8.28 -36.00
C ILE C 154 -16.87 -9.11 -37.20
N PRO C 155 -16.21 -8.57 -38.24
CA PRO C 155 -15.67 -9.43 -39.29
C PRO C 155 -14.64 -10.42 -38.78
N PHE C 156 -13.86 -10.07 -37.76
CA PHE C 156 -12.93 -11.05 -37.22
C PHE C 156 -13.66 -12.24 -36.62
N PHE C 157 -14.79 -11.98 -35.92
CA PHE C 157 -15.57 -13.07 -35.34
C PHE C 157 -16.10 -14.00 -36.42
N GLU C 158 -16.62 -13.44 -37.52
CA GLU C 158 -17.10 -14.27 -38.62
C GLU C 158 -15.98 -15.15 -39.16
N ARG C 159 -14.77 -14.58 -39.28
CA ARG C 159 -13.64 -15.36 -39.76
C ARG C 159 -13.29 -16.48 -38.79
N VAL C 160 -13.30 -16.17 -37.48
CA VAL C 160 -12.99 -17.21 -36.49
C VAL C 160 -14.01 -18.34 -36.56
N LEU C 161 -15.29 -17.99 -36.71
CA LEU C 161 -16.31 -19.02 -36.81
C LEU C 161 -16.09 -19.91 -38.04
N LYS C 162 -15.77 -19.30 -39.19
CA LYS C 162 -15.54 -20.10 -40.38
C LYS C 162 -14.30 -20.99 -40.23
N ILE C 163 -13.25 -20.49 -39.58
CA ILE C 163 -12.08 -21.33 -39.33
C ILE C 163 -12.47 -22.53 -38.48
N GLU C 164 -13.30 -22.31 -37.46
CA GLU C 164 -13.71 -23.41 -36.59
C GLU C 164 -14.60 -24.39 -37.34
N GLU C 165 -15.45 -23.89 -38.23
CA GLU C 165 -16.26 -24.78 -39.05
C GLU C 165 -15.39 -25.61 -39.99
N LYS C 166 -14.35 -24.99 -40.55
CA LYS C 166 -13.45 -25.71 -41.45
C LYS C 166 -12.63 -26.76 -40.71
N LEU C 167 -12.21 -26.45 -39.48
CA LEU C 167 -11.41 -27.37 -38.69
C LEU C 167 -12.24 -28.38 -37.90
N SER C 168 -13.53 -28.11 -37.72
CA SER C 168 -14.40 -28.93 -36.86
C SER C 168 -13.83 -29.03 -35.46
N ARG C 169 -13.27 -27.93 -34.96
CA ARG C 169 -12.76 -27.87 -33.60
C ARG C 169 -12.68 -26.41 -33.19
N PRO C 170 -12.82 -26.10 -31.90
CA PRO C 170 -12.71 -24.71 -31.46
C PRO C 170 -11.27 -24.22 -31.46
N LEU C 171 -11.11 -22.91 -31.65
CA LEU C 171 -9.83 -22.25 -31.42
C LEU C 171 -9.61 -22.05 -29.93
N THR C 172 -8.36 -22.17 -29.50
CA THR C 172 -8.02 -21.75 -28.15
C THR C 172 -7.87 -20.24 -28.11
N ALA C 173 -7.72 -19.71 -26.89
CA ALA C 173 -7.53 -18.27 -26.74
C ALA C 173 -6.26 -17.81 -27.43
N SER C 174 -5.15 -18.55 -27.28
CA SER C 174 -3.89 -18.12 -27.89
C SER C 174 -3.96 -18.18 -29.41
N GLU C 175 -4.62 -19.21 -29.96
CA GLU C 175 -4.84 -19.27 -31.41
C GLU C 175 -5.71 -18.11 -31.88
N PHE C 176 -6.75 -17.80 -31.10
CA PHE C 176 -7.59 -16.63 -31.36
C PHE C 176 -6.74 -15.37 -31.50
N ILE C 177 -5.80 -15.18 -30.57
CA ILE C 177 -4.97 -13.98 -30.58
C ILE C 177 -3.94 -14.04 -31.70
N TYR C 178 -3.41 -15.23 -31.98
CA TYR C 178 -2.55 -15.41 -33.14
C TYR C 178 -3.28 -15.01 -34.42
N GLU C 179 -4.51 -15.48 -34.58
CA GLU C 179 -5.31 -15.09 -35.74
C GLU C 179 -5.58 -13.59 -35.76
N MET C 180 -5.71 -12.96 -34.59
CA MET C 180 -5.88 -11.51 -34.53
C MET C 180 -4.68 -10.80 -35.15
N GLY C 181 -3.47 -11.29 -34.86
CA GLY C 181 -2.28 -10.66 -35.44
C GLY C 181 -2.20 -10.82 -36.95
N ARG C 182 -2.56 -11.99 -37.45
CA ARG C 182 -2.66 -12.21 -38.89
C ARG C 182 -3.70 -11.27 -39.51
N TYR C 183 -4.84 -11.12 -38.82
CA TYR C 183 -5.88 -10.20 -39.26
C TYR C 183 -5.39 -8.76 -39.26
N MET C 184 -4.62 -8.38 -38.24
CA MET C 184 -4.04 -7.04 -38.18
C MET C 184 -3.13 -6.78 -39.37
N ASP C 185 -2.31 -7.77 -39.75
CA ASP C 185 -1.38 -7.57 -40.86
C ASP C 185 -2.13 -7.32 -42.15
N GLU C 186 -3.26 -8.01 -42.34
CA GLU C 186 -4.00 -7.88 -43.58
C GLU C 186 -4.74 -6.55 -43.67
N LYS C 187 -5.29 -6.06 -42.55
CA LYS C 187 -6.24 -4.96 -42.60
C LYS C 187 -5.67 -3.61 -42.18
N LEU C 188 -4.55 -3.56 -41.48
CA LEU C 188 -4.06 -2.31 -40.92
C LEU C 188 -2.83 -1.82 -41.68
N GLY C 189 -2.53 -0.54 -41.50
CA GLY C 189 -1.39 0.11 -42.09
C GLY C 189 -0.20 0.16 -41.15
N LYS C 190 0.59 1.22 -41.28
CA LYS C 190 1.85 1.32 -40.53
C LYS C 190 1.65 1.28 -39.02
N GLU C 191 0.46 1.60 -38.54
CA GLU C 191 0.21 1.59 -37.09
C GLU C 191 0.43 0.22 -36.48
N LYS C 192 0.29 -0.86 -37.26
CA LYS C 192 0.50 -2.19 -36.72
C LYS C 192 1.93 -2.44 -36.29
N GLU C 193 2.87 -1.60 -36.73
CA GLU C 193 4.27 -1.90 -36.45
C GLU C 193 4.67 -1.54 -35.02
N LYS C 194 3.80 -0.88 -34.25
CA LYS C 194 4.00 -0.67 -32.83
C LYS C 194 3.07 -1.56 -31.99
N SER C 195 2.53 -2.62 -32.59
CA SER C 195 1.55 -3.50 -31.97
C SER C 195 2.19 -4.77 -31.43
N VAL C 196 1.89 -5.10 -30.18
CA VAL C 196 2.35 -6.36 -29.59
C VAL C 196 1.77 -7.55 -30.33
N ILE C 197 0.46 -7.51 -30.61
CA ILE C 197 -0.22 -8.63 -31.25
C ILE C 197 0.34 -8.88 -32.63
N TYR C 198 0.63 -7.80 -33.36
CA TYR C 198 1.18 -7.93 -34.70
C TYR C 198 2.54 -8.62 -34.68
N TRP C 199 3.45 -8.14 -33.83
CA TRP C 199 4.79 -8.71 -33.80
C TRP C 199 4.81 -10.12 -33.24
N ALA C 200 3.89 -10.43 -32.32
CA ALA C 200 3.77 -11.79 -31.83
C ALA C 200 3.35 -12.75 -32.94
N TYR C 201 2.43 -12.30 -33.80
CA TYR C 201 2.06 -13.11 -34.97
C TYR C 201 3.25 -13.27 -35.91
N LYS C 202 3.98 -12.18 -36.18
CA LYS C 202 5.05 -12.22 -37.16
C LYS C 202 6.22 -13.06 -36.68
N ASN C 203 6.47 -13.08 -35.37
CA ASN C 203 7.58 -13.83 -34.80
C ASN C 203 7.15 -15.14 -34.15
N ASN C 204 5.90 -15.55 -34.36
CA ASN C 204 5.38 -16.80 -33.80
C ASN C 204 5.59 -16.88 -32.30
N ILE C 205 5.29 -15.79 -31.61
CA ILE C 205 5.35 -15.73 -30.15
C ILE C 205 3.93 -15.89 -29.63
N PRO C 206 3.59 -17.02 -29.00
CA PRO C 206 2.22 -17.20 -28.54
C PRO C 206 1.85 -16.20 -27.47
N ILE C 207 0.60 -15.76 -27.50
CA ILE C 207 0.05 -14.91 -26.45
C ILE C 207 -1.07 -15.68 -25.78
N PHE C 208 -0.90 -15.99 -24.50
CA PHE C 208 -1.92 -16.68 -23.73
C PHE C 208 -2.73 -15.66 -22.95
N CYS C 209 -4.03 -15.91 -22.88
CA CYS C 209 -4.98 -15.01 -22.24
C CYS C 209 -6.19 -15.83 -21.83
N PRO C 210 -6.14 -16.52 -20.68
CA PRO C 210 -7.19 -17.50 -20.35
C PRO C 210 -8.56 -16.89 -20.08
N ALA C 211 -8.67 -15.57 -19.96
CA ALA C 211 -9.93 -14.87 -19.72
C ALA C 211 -10.14 -13.79 -20.78
N ILE C 212 -10.00 -14.18 -22.04
CA ILE C 212 -10.01 -13.24 -23.15
C ILE C 212 -11.37 -12.59 -23.36
N THR C 213 -12.45 -13.16 -22.81
CA THR C 213 -13.79 -12.60 -22.98
C THR C 213 -14.16 -11.60 -21.89
N ASP C 214 -13.24 -11.30 -20.98
CA ASP C 214 -13.51 -10.38 -19.85
C ASP C 214 -13.10 -8.96 -20.24
N GLY C 215 -13.84 -8.39 -21.18
CA GLY C 215 -13.54 -7.03 -21.60
C GLY C 215 -14.29 -6.66 -22.85
N SER C 216 -13.68 -5.75 -23.63
CA SER C 216 -14.35 -5.23 -24.82
C SER C 216 -14.59 -6.31 -25.85
N ILE C 217 -13.59 -7.17 -26.07
CA ILE C 217 -13.77 -8.28 -27.00
C ILE C 217 -14.97 -9.13 -26.59
N GLY C 218 -15.06 -9.46 -25.30
CA GLY C 218 -16.20 -10.22 -24.82
C GLY C 218 -17.50 -9.48 -25.01
N ASP C 219 -17.48 -8.16 -24.84
CA ASP C 219 -18.67 -7.35 -25.07
C ASP C 219 -19.05 -7.33 -26.55
N MET C 220 -18.05 -7.20 -27.44
CA MET C 220 -18.31 -7.35 -28.87
C MET C 220 -18.98 -8.68 -29.14
N LEU C 221 -18.35 -9.75 -28.64
CA LEU C 221 -18.83 -11.10 -28.90
C LEU C 221 -20.21 -11.32 -28.31
N TYR C 222 -20.53 -10.60 -27.23
CA TYR C 222 -21.88 -10.69 -26.67
C TYR C 222 -22.92 -10.19 -27.67
N PHE C 223 -22.63 -9.06 -28.33
CA PHE C 223 -23.59 -8.51 -29.29
C PHE C 223 -23.67 -9.36 -30.55
N PHE C 224 -22.51 -9.81 -31.05
CA PHE C 224 -22.48 -10.74 -32.16
C PHE C 224 -23.34 -11.97 -31.89
N LYS C 225 -23.17 -12.58 -30.72
CA LYS C 225 -23.93 -13.78 -30.39
C LYS C 225 -25.40 -13.46 -30.13
N GLU C 226 -25.68 -12.34 -29.47
CA GLU C 226 -27.07 -11.99 -29.22
C GLU C 226 -27.82 -11.64 -30.50
N GLU C 227 -27.15 -10.92 -31.41
CA GLU C 227 -27.79 -10.53 -32.66
C GLU C 227 -28.06 -11.72 -33.57
N ARG C 228 -27.07 -12.60 -33.72
CA ARG C 228 -27.12 -13.67 -34.69
C ARG C 228 -27.58 -15.01 -34.11
N ARG C 229 -27.96 -15.04 -32.83
CA ARG C 229 -28.36 -16.27 -32.15
C ARG C 229 -27.28 -17.35 -32.28
N ASP C 230 -26.02 -16.94 -32.14
CA ASP C 230 -24.93 -17.88 -32.32
C ASP C 230 -24.50 -18.45 -30.98
N SER C 231 -24.40 -19.78 -30.93
CA SER C 231 -23.69 -20.46 -29.86
C SER C 231 -22.51 -21.27 -30.38
N ARG C 232 -22.28 -21.30 -31.70
CA ARG C 232 -21.21 -22.16 -32.23
C ARG C 232 -19.84 -21.52 -32.19
N LEU C 233 -19.72 -20.20 -32.09
CA LEU C 233 -18.39 -19.61 -31.96
C LEU C 233 -17.87 -19.91 -30.56
N ILE C 234 -16.83 -20.73 -30.47
CA ILE C 234 -16.32 -21.27 -29.22
C ILE C 234 -14.92 -20.74 -29.01
N ILE C 235 -14.60 -20.37 -27.76
CA ILE C 235 -13.22 -20.07 -27.37
C ILE C 235 -12.86 -21.05 -26.27
N ASP C 236 -11.93 -21.96 -26.57
CA ASP C 236 -11.55 -22.99 -25.62
C ASP C 236 -10.35 -22.55 -24.80
N ILE C 237 -10.38 -22.85 -23.51
CA ILE C 237 -9.22 -22.63 -22.66
C ILE C 237 -8.63 -23.92 -22.12
N ALA C 238 -9.30 -25.06 -22.34
CA ALA C 238 -8.77 -26.31 -21.82
C ALA C 238 -7.50 -26.73 -22.55
N ASN C 239 -7.44 -26.52 -23.87
CA ASN C 239 -6.26 -26.99 -24.59
C ASN C 239 -5.08 -26.03 -24.53
N ASP C 240 -5.29 -24.76 -24.12
CA ASP C 240 -4.14 -23.87 -23.97
C ASP C 240 -3.24 -24.25 -22.80
N ILE C 241 -3.77 -24.89 -21.76
CA ILE C 241 -2.95 -25.22 -20.62
C ILE C 241 -1.85 -26.21 -21.02
N VAL C 242 -2.20 -27.15 -21.89
CA VAL C 242 -1.17 -28.05 -22.44
C VAL C 242 -0.11 -27.25 -23.17
N LYS C 243 -0.52 -26.34 -24.05
CA LYS C 243 0.45 -25.56 -24.83
C LYS C 243 1.33 -24.73 -23.91
N LEU C 244 0.72 -24.03 -22.94
CA LEU C 244 1.51 -23.15 -22.07
C LEU C 244 2.46 -23.96 -21.18
N ASN C 245 1.94 -25.00 -20.53
CA ASN C 245 2.78 -25.79 -19.63
C ASN C 245 3.93 -26.44 -20.38
N ASN C 246 3.65 -27.01 -21.56
CA ASN C 246 4.70 -27.67 -22.33
C ASN C 246 5.81 -26.69 -22.72
N LEU C 247 5.46 -25.42 -22.93
CA LEU C 247 6.48 -24.43 -23.24
C LEU C 247 7.46 -24.25 -22.09
N ALA C 248 6.96 -24.36 -20.85
CA ALA C 248 7.84 -24.29 -19.69
C ALA C 248 8.63 -25.59 -19.52
N ILE C 249 7.95 -26.75 -19.65
CA ILE C 249 8.59 -28.03 -19.36
C ILE C 249 9.73 -28.32 -20.33
N THR C 250 9.51 -28.06 -21.61
CA THR C 250 10.49 -28.44 -22.64
C THR C 250 11.65 -27.46 -22.75
N ALA C 251 11.65 -26.38 -21.99
CA ALA C 251 12.77 -25.45 -22.02
C ALA C 251 13.93 -25.97 -21.19
N LYS C 252 15.15 -25.67 -21.63
CA LYS C 252 16.31 -26.03 -20.82
C LYS C 252 16.45 -25.10 -19.62
N GLU C 253 16.17 -23.81 -19.81
CA GLU C 253 15.94 -22.88 -18.72
C GLU C 253 14.78 -21.96 -19.08
N THR C 254 14.11 -21.44 -18.05
CA THR C 254 13.08 -20.44 -18.23
C THR C 254 13.41 -19.20 -17.41
N ALA C 255 12.91 -18.04 -17.87
CA ALA C 255 12.96 -16.81 -17.13
C ALA C 255 11.58 -16.18 -17.13
N SER C 256 11.21 -15.55 -16.02
CA SER C 256 9.92 -14.92 -15.83
C SER C 256 10.12 -13.42 -15.66
N ILE C 257 9.44 -12.64 -16.50
CA ILE C 257 9.39 -11.19 -16.35
C ILE C 257 7.91 -10.82 -16.25
N ILE C 258 7.47 -10.45 -15.05
CA ILE C 258 6.06 -10.30 -14.75
C ILE C 258 5.82 -8.89 -14.24
N LEU C 259 4.97 -8.17 -14.93
CA LEU C 259 4.55 -6.80 -14.56
C LEU C 259 3.12 -6.87 -14.03
N GLY C 260 2.94 -6.58 -12.75
CA GLY C 260 1.63 -6.65 -12.13
C GLY C 260 1.34 -8.03 -11.61
N GLY C 261 0.16 -8.24 -11.09
CA GLY C 261 -0.15 -9.57 -10.58
C GLY C 261 -1.26 -10.17 -11.38
N SER C 262 -2.34 -10.56 -10.70
CA SER C 262 -3.55 -11.11 -11.34
C SER C 262 -3.26 -12.41 -12.12
N LEU C 263 -4.03 -12.67 -13.16
CA LEU C 263 -3.94 -13.93 -13.94
C LEU C 263 -2.56 -14.15 -14.57
N PRO C 264 -1.90 -13.18 -15.22
CA PRO C 264 -0.62 -13.46 -15.87
C PRO C 264 0.48 -13.92 -14.92
N LYS C 265 0.63 -13.29 -13.76
CA LYS C 265 1.61 -13.75 -12.77
C LYS C 265 1.32 -15.17 -12.34
N HIS C 266 0.07 -15.44 -11.96
CA HIS C 266 -0.33 -16.75 -11.49
C HIS C 266 -0.13 -17.81 -12.57
N ALA C 267 -0.47 -17.49 -13.81
CA ALA C 267 -0.36 -18.45 -14.90
C ALA C 267 1.11 -18.79 -15.20
N ILE C 268 1.99 -17.78 -15.20
CA ILE C 268 3.40 -18.02 -15.50
C ILE C 268 4.06 -18.78 -14.36
N ILE C 269 3.74 -18.42 -13.11
CA ILE C 269 4.28 -19.14 -11.97
C ILE C 269 3.77 -20.58 -11.97
N ASN C 270 2.46 -20.76 -12.18
CA ASN C 270 1.89 -22.11 -12.18
C ASN C 270 2.48 -22.96 -13.29
N ALA C 271 2.72 -22.39 -14.47
CA ALA C 271 3.26 -23.16 -15.57
C ALA C 271 4.65 -23.68 -15.25
N ASN C 272 5.47 -22.87 -14.59
CA ASN C 272 6.82 -23.25 -14.22
C ASN C 272 6.88 -24.13 -12.99
N LEU C 273 5.75 -24.39 -12.33
CA LEU C 273 5.73 -25.31 -11.20
C LEU C 273 6.25 -26.68 -11.60
N PHE C 274 5.86 -27.15 -12.79
CA PHE C 274 6.11 -28.53 -13.18
C PHE C 274 7.60 -28.82 -13.28
N ARG C 275 8.37 -27.86 -13.78
CA ARG C 275 9.83 -28.00 -13.86
C ARG C 275 10.55 -27.51 -12.61
N GLY C 276 9.85 -27.43 -11.47
CA GLY C 276 10.47 -26.99 -10.25
C GLY C 276 10.69 -25.50 -10.13
N GLY C 277 10.04 -24.70 -10.97
CA GLY C 277 10.10 -23.26 -10.87
C GLY C 277 10.93 -22.65 -11.99
N THR C 278 10.73 -21.36 -12.19
CA THR C 278 11.54 -20.63 -13.15
C THR C 278 12.98 -20.52 -12.65
N ASP C 279 13.90 -20.36 -13.59
CA ASP C 279 15.31 -20.28 -13.24
C ASP C 279 15.79 -18.85 -13.03
N TYR C 280 15.03 -17.87 -13.51
CA TYR C 280 15.28 -16.45 -13.26
C TYR C 280 13.92 -15.76 -13.22
N ALA C 281 13.77 -14.80 -12.33
CA ALA C 281 12.50 -14.10 -12.19
C ALA C 281 12.74 -12.63 -11.91
N ILE C 282 12.02 -11.77 -12.63
CA ILE C 282 11.92 -10.35 -12.30
C ILE C 282 10.44 -10.02 -12.18
N TYR C 283 10.04 -9.55 -11.00
CA TYR C 283 8.66 -9.15 -10.74
C TYR C 283 8.66 -7.65 -10.48
N ILE C 284 7.76 -6.93 -11.15
CA ILE C 284 7.51 -5.52 -10.89
C ILE C 284 6.04 -5.38 -10.56
N SER C 285 5.73 -4.85 -9.37
CA SER C 285 4.35 -4.81 -8.94
C SER C 285 4.18 -3.72 -7.89
N THR C 286 2.98 -3.15 -7.86
CA THR C 286 2.67 -2.19 -6.79
C THR C 286 1.93 -2.93 -5.70
N ALA C 287 1.50 -4.15 -5.94
CA ALA C 287 0.72 -4.85 -4.91
C ALA C 287 1.63 -5.14 -3.74
N VAL C 288 1.26 -4.65 -2.57
CA VAL C 288 2.14 -4.99 -1.43
C VAL C 288 2.02 -6.50 -1.20
N PRO C 289 3.15 -7.25 -1.19
CA PRO C 289 3.13 -8.69 -1.08
C PRO C 289 3.16 -9.19 0.37
N LYS C 311 18.03 -16.71 -4.27
CA LYS C 311 19.32 -16.55 -4.91
C LYS C 311 19.41 -15.15 -5.53
N ALA C 312 20.52 -14.88 -6.22
CA ALA C 312 20.71 -13.61 -6.89
C ALA C 312 20.01 -13.53 -8.23
N ASP C 313 19.30 -14.58 -8.65
CA ASP C 313 18.62 -14.64 -9.93
C ASP C 313 17.13 -14.37 -9.82
N TYR C 314 16.66 -13.90 -8.67
CA TYR C 314 15.24 -13.61 -8.45
C TYR C 314 15.12 -12.30 -7.69
N VAL C 315 14.27 -11.40 -8.17
CA VAL C 315 14.06 -10.12 -7.50
C VAL C 315 12.65 -9.64 -7.79
N GLU C 316 12.08 -8.91 -6.84
CA GLU C 316 10.87 -8.13 -7.06
C GLU C 316 11.20 -6.67 -6.83
N VAL C 317 10.80 -5.81 -7.78
CA VAL C 317 10.90 -4.37 -7.63
C VAL C 317 9.50 -3.85 -7.32
N TRP C 318 9.35 -3.22 -6.16
CA TRP C 318 8.06 -2.69 -5.75
C TRP C 318 7.92 -1.27 -6.27
N GLY C 319 6.96 -1.06 -7.17
CA GLY C 319 6.66 0.26 -7.69
C GLY C 319 5.87 0.17 -8.98
N ASP C 320 5.46 1.34 -9.46
CA ASP C 320 4.71 1.44 -10.71
C ASP C 320 5.61 1.08 -11.89
N ALA C 321 5.14 0.14 -12.73
CA ALA C 321 5.94 -0.33 -13.85
C ALA C 321 6.22 0.79 -14.86
N THR C 322 5.37 1.80 -14.93
CA THR C 322 5.63 2.88 -15.88
C THR C 322 6.88 3.66 -15.51
N LEU C 323 7.20 3.76 -14.22
CA LEU C 323 8.46 4.35 -13.78
C LEU C 323 9.64 3.40 -14.00
N ILE C 324 9.45 2.13 -13.70
CA ILE C 324 10.57 1.20 -13.55
C ILE C 324 10.93 0.54 -14.87
N PHE C 325 9.94 0.00 -15.57
CA PHE C 325 10.21 -0.81 -16.76
C PHE C 325 11.00 -0.10 -17.85
N PRO C 326 10.72 1.18 -18.20
CA PRO C 326 11.56 1.81 -19.24
C PRO C 326 13.03 1.86 -18.88
N ILE C 327 13.36 2.12 -17.61
CA ILE C 327 14.75 2.16 -17.18
C ILE C 327 15.37 0.76 -17.27
N LEU C 328 14.63 -0.25 -16.82
CA LEU C 328 15.14 -1.62 -16.83
C LEU C 328 15.43 -2.09 -18.25
N VAL C 329 14.49 -1.86 -19.17
CA VAL C 329 14.67 -2.34 -20.54
C VAL C 329 15.86 -1.65 -21.20
N TRP C 330 15.97 -0.32 -21.04
CA TRP C 330 17.08 0.41 -21.65
C TRP C 330 18.42 -0.09 -21.12
N MET C 331 18.55 -0.24 -19.81
CA MET C 331 19.82 -0.65 -19.22
C MET C 331 20.21 -2.07 -19.61
N VAL C 332 19.23 -2.91 -19.95
CA VAL C 332 19.52 -4.28 -20.37
C VAL C 332 19.76 -4.36 -21.88
N MET C 333 18.92 -3.67 -22.67
CA MET C 333 18.91 -3.85 -24.12
C MET C 333 19.77 -2.84 -24.87
N LYS C 334 19.98 -1.65 -24.32
CA LYS C 334 20.59 -0.57 -25.06
C LYS C 334 21.83 0.02 -24.40
N ALA C 335 21.93 -0.02 -23.07
CA ALA C 335 23.03 0.66 -22.38
C ALA C 335 24.37 0.07 -22.78
N ARG C 336 25.33 0.97 -23.04
CA ARG C 336 26.67 0.58 -23.44
C ARG C 336 27.60 0.44 -22.24
N GLU D 15 -4.64 18.03 -20.57
CA GLU D 15 -3.43 17.70 -21.31
C GLU D 15 -3.78 17.39 -22.77
N GLY D 16 -4.33 16.20 -23.02
CA GLY D 16 -4.78 15.83 -24.35
C GLY D 16 -3.73 15.25 -25.26
N VAL D 17 -2.51 15.01 -24.75
CA VAL D 17 -1.48 14.39 -25.56
C VAL D 17 -1.80 12.91 -25.74
N GLU D 18 -1.39 12.37 -26.89
CA GLU D 18 -1.57 10.94 -27.13
C GLU D 18 -0.62 10.14 -26.24
N VAL D 19 -1.16 9.08 -25.63
CA VAL D 19 -0.32 8.18 -24.83
C VAL D 19 0.62 7.43 -25.77
N LYS D 20 1.92 7.49 -25.48
CA LYS D 20 2.91 6.87 -26.35
C LYS D 20 4.22 6.70 -25.58
N GLY D 21 4.82 5.53 -25.69
CA GLY D 21 6.13 5.29 -25.12
C GLY D 21 7.20 5.44 -26.17
N PRO D 22 8.45 5.53 -25.75
CA PRO D 22 9.54 5.61 -26.72
C PRO D 22 9.64 4.33 -27.54
N TRP D 23 9.92 4.47 -28.82
CA TRP D 23 10.28 3.34 -29.67
C TRP D 23 11.78 3.18 -29.60
N LEU D 24 12.23 2.03 -29.10
CA LEU D 24 13.64 1.87 -28.78
C LEU D 24 14.53 1.67 -29.99
N ASP D 25 13.97 1.56 -31.20
CA ASP D 25 14.79 1.63 -32.40
C ASP D 25 15.28 3.06 -32.66
N ASP D 26 14.60 4.06 -32.11
CA ASP D 26 14.89 5.48 -32.36
C ASP D 26 15.54 6.17 -31.18
N ALA D 27 15.15 5.85 -29.96
CA ALA D 27 15.64 6.55 -28.78
C ALA D 27 17.16 6.41 -28.67
N GLN D 28 17.84 7.53 -28.43
CA GLN D 28 19.30 7.57 -28.43
C GLN D 28 19.91 7.37 -27.04
N SER D 29 19.20 7.74 -25.99
CA SER D 29 19.78 7.74 -24.65
C SER D 29 18.68 7.50 -23.62
N LEU D 30 19.10 7.20 -22.39
CA LEU D 30 18.14 7.04 -21.31
C LEU D 30 17.39 8.34 -21.03
N GLU D 31 18.06 9.48 -21.19
CA GLU D 31 17.40 10.77 -20.96
C GLU D 31 16.28 10.99 -21.97
N GLU D 32 16.50 10.62 -23.23
CA GLU D 32 15.44 10.71 -24.23
C GLU D 32 14.30 9.76 -23.89
N VAL D 33 14.63 8.58 -23.38
CA VAL D 33 13.60 7.66 -22.89
C VAL D 33 12.77 8.33 -21.80
N VAL D 34 13.45 8.90 -20.80
CA VAL D 34 12.75 9.54 -19.69
C VAL D 34 11.99 10.77 -20.17
N SER D 35 12.44 11.39 -21.26
CA SER D 35 11.72 12.54 -21.80
C SER D 35 10.32 12.17 -22.27
N TYR D 36 10.03 10.89 -22.44
CA TYR D 36 8.69 10.42 -22.77
C TYR D 36 7.78 10.24 -21.55
N TYR D 37 8.30 10.37 -20.33
CA TYR D 37 7.56 9.92 -19.15
C TYR D 37 6.23 10.66 -19.01
N TYR D 38 6.21 11.95 -19.34
CA TYR D 38 4.99 12.73 -19.16
C TYR D 38 3.84 12.19 -20.00
N ARG D 39 4.12 11.48 -21.10
CA ARG D 39 3.06 10.95 -21.95
C ARG D 39 2.97 9.44 -21.90
N ILE D 40 3.61 8.83 -20.91
CA ILE D 40 3.53 7.36 -20.68
C ILE D 40 2.28 6.98 -19.86
N GLY D 41 1.81 7.83 -18.97
CA GLY D 41 0.64 7.44 -18.14
C GLY D 41 1.04 7.09 -16.72
N PHE D 42 0.07 7.09 -15.82
CA PHE D 42 0.24 6.71 -14.39
C PHE D 42 1.33 7.56 -13.71
N GLN D 43 2.18 6.91 -12.92
CA GLN D 43 3.28 7.58 -12.17
C GLN D 43 4.32 8.19 -13.12
N ALA D 44 4.59 7.57 -14.26
CA ALA D 44 5.55 8.15 -15.22
C ALA D 44 5.10 9.56 -15.56
N THR D 45 3.81 9.76 -15.81
CA THR D 45 3.29 11.09 -16.10
C THR D 45 3.53 12.03 -14.92
N HIS D 46 3.38 11.54 -13.70
CA HIS D 46 3.61 12.37 -12.53
C HIS D 46 5.08 12.76 -12.40
N LEU D 47 5.99 11.81 -12.64
CA LEU D 47 7.41 12.16 -12.66
C LEU D 47 7.72 13.12 -13.78
N GLY D 48 7.10 12.93 -14.95
CA GLY D 48 7.24 13.89 -16.04
C GLY D 48 6.83 15.30 -15.62
N ARG D 49 5.70 15.42 -14.92
CA ARG D 49 5.27 16.73 -14.46
C ARG D 49 6.17 17.26 -13.37
N ALA D 50 6.68 16.39 -12.51
CA ALA D 50 7.62 16.83 -11.47
C ALA D 50 8.89 17.42 -12.10
N ILE D 51 9.37 16.80 -13.18
CA ILE D 51 10.53 17.33 -13.88
C ILE D 51 10.24 18.72 -14.44
N GLU D 52 9.06 18.90 -15.05
CA GLU D 52 8.69 20.20 -15.56
C GLU D 52 8.59 21.23 -14.44
N ILE D 53 8.04 20.84 -13.30
CA ILE D 53 7.84 21.78 -12.20
C ILE D 53 9.18 22.25 -11.66
N TRP D 54 10.07 21.32 -11.33
CA TRP D 54 11.33 21.70 -10.74
C TRP D 54 12.22 22.43 -11.74
N ARG D 55 12.18 22.01 -13.01
CA ARG D 55 12.89 22.75 -14.05
C ARG D 55 12.43 24.20 -14.11
N LYS D 56 11.11 24.41 -14.08
CA LYS D 56 10.57 25.76 -14.07
C LYS D 56 11.09 26.55 -12.87
N VAL D 57 11.09 25.94 -11.69
CA VAL D 57 11.60 26.59 -10.49
C VAL D 57 13.10 26.84 -10.61
N GLU D 58 13.84 25.87 -11.13
CA GLU D 58 15.28 26.03 -11.25
C GLU D 58 15.67 27.07 -12.29
N GLU D 59 14.99 27.14 -13.45
CA GLU D 59 15.31 28.25 -14.35
C GLU D 59 14.99 29.59 -13.70
N LYS D 60 13.83 29.69 -13.04
CA LYS D 60 13.44 30.96 -12.42
C LYS D 60 14.46 31.38 -11.38
N ARG D 61 14.97 30.44 -10.58
CA ARG D 61 16.01 30.79 -9.61
C ARG D 61 17.27 31.26 -10.32
N GLU D 62 17.59 30.68 -11.48
CA GLU D 62 18.82 31.03 -12.17
C GLU D 62 18.74 32.39 -12.87
N ARG D 63 17.53 32.91 -13.13
CA ARG D 63 17.41 34.32 -13.52
C ARG D 63 17.34 35.24 -12.33
N GLY D 64 17.65 34.78 -11.13
CA GLY D 64 17.56 35.60 -9.95
C GLY D 64 16.18 35.76 -9.37
N GLU D 65 15.18 35.08 -9.93
CA GLU D 65 13.84 35.13 -9.33
C GLU D 65 13.86 34.37 -8.00
N GLU D 66 13.45 35.06 -6.94
CA GLU D 66 13.42 34.49 -5.61
C GLU D 66 12.36 33.41 -5.48
N ILE D 67 12.78 32.16 -5.31
CA ILE D 67 11.89 31.08 -4.90
C ILE D 67 12.60 30.34 -3.79
N ARG D 68 12.04 30.40 -2.58
CA ARG D 68 12.64 29.72 -1.45
C ARG D 68 12.24 28.25 -1.49
N VAL D 69 13.23 27.37 -1.61
CA VAL D 69 13.02 25.95 -1.81
C VAL D 69 13.12 25.26 -0.46
N PHE D 70 12.00 24.70 0.02
CA PHE D 70 11.99 23.89 1.23
C PHE D 70 12.12 22.42 0.83
N LEU D 71 13.15 21.76 1.34
CA LEU D 71 13.40 20.35 1.09
C LEU D 71 13.13 19.58 2.37
N GLY D 72 12.25 18.59 2.31
CA GLY D 72 11.95 17.75 3.45
C GLY D 72 12.18 16.28 3.12
N TYR D 73 12.68 15.53 4.10
CA TYR D 73 12.91 14.11 3.87
C TYR D 73 12.94 13.39 5.21
N THR D 74 12.60 12.11 5.17
CA THR D 74 12.64 11.25 6.34
C THR D 74 13.98 10.53 6.39
N SER D 75 14.20 9.82 7.50
CA SER D 75 15.51 9.21 7.77
C SER D 75 15.88 8.16 6.73
N ASN D 76 14.89 7.47 6.16
CA ASN D 76 15.18 6.44 5.17
C ASN D 76 15.91 7.00 3.96
N ILE D 77 15.61 8.25 3.61
CA ILE D 77 16.32 8.90 2.52
C ILE D 77 17.82 8.96 2.81
N ILE D 78 18.19 9.34 4.03
CA ILE D 78 19.61 9.45 4.38
C ILE D 78 20.24 8.08 4.56
N SER D 79 19.47 7.08 5.00
CA SER D 79 20.01 5.72 5.08
C SER D 79 20.40 5.19 3.71
N SER D 80 19.70 5.63 2.67
CA SER D 80 19.96 5.18 1.31
C SER D 80 21.08 5.99 0.67
N GLY D 81 21.48 5.57 -0.53
CA GLY D 81 22.45 6.32 -1.31
C GLY D 81 21.97 7.67 -1.77
N LEU D 82 20.68 7.99 -1.58
CA LEU D 82 20.19 9.32 -1.89
C LEU D 82 20.87 10.40 -1.06
N ARG D 83 21.50 10.01 0.05
CA ARG D 83 22.21 10.97 0.89
C ARG D 83 23.25 11.74 0.08
N GLU D 84 24.01 11.04 -0.76
CA GLU D 84 24.99 11.72 -1.61
C GLU D 84 24.32 12.71 -2.55
N ILE D 85 23.14 12.37 -3.05
CA ILE D 85 22.43 13.30 -3.95
C ILE D 85 21.90 14.50 -3.17
N ILE D 86 21.40 14.26 -1.95
CA ILE D 86 20.93 15.38 -1.13
C ILE D 86 22.09 16.34 -0.84
N ALA D 87 23.24 15.78 -0.44
CA ALA D 87 24.39 16.61 -0.11
C ALA D 87 24.81 17.46 -1.31
N TRP D 88 24.82 16.85 -2.50
CA TRP D 88 25.15 17.61 -3.69
C TRP D 88 24.17 18.75 -3.90
N LEU D 89 22.88 18.50 -3.68
CA LEU D 89 21.88 19.57 -3.80
C LEU D 89 22.11 20.67 -2.76
N VAL D 90 22.60 20.31 -1.58
CA VAL D 90 22.92 21.31 -0.57
C VAL D 90 24.22 22.02 -0.92
N LYS D 91 25.23 21.26 -1.36
CA LYS D 91 26.50 21.88 -1.75
C LYS D 91 26.29 22.93 -2.84
N GLU D 92 25.45 22.62 -3.82
CA GLU D 92 25.24 23.49 -4.97
C GLU D 92 24.10 24.48 -4.78
N LYS D 93 23.57 24.59 -3.55
CA LYS D 93 22.57 25.60 -3.20
C LYS D 93 21.30 25.48 -4.05
N LYS D 94 20.92 24.25 -4.38
CA LYS D 94 19.66 24.01 -5.07
C LYS D 94 18.45 24.12 -4.14
N VAL D 95 18.66 24.01 -2.83
CA VAL D 95 17.60 24.17 -1.84
C VAL D 95 18.05 25.16 -0.79
N ASP D 96 17.08 25.79 -0.12
CA ASP D 96 17.35 26.84 0.85
C ASP D 96 17.03 26.46 2.29
N VAL D 97 16.06 25.59 2.53
CA VAL D 97 15.64 25.20 3.87
C VAL D 97 15.47 23.69 3.90
N ILE D 98 15.95 23.07 4.98
CA ILE D 98 15.80 21.63 5.17
C ILE D 98 15.04 21.39 6.46
N VAL D 99 14.05 20.50 6.39
CA VAL D 99 13.43 19.90 7.57
C VAL D 99 13.59 18.39 7.44
N THR D 100 14.11 17.76 8.48
CA THR D 100 14.25 16.31 8.46
C THR D 100 13.96 15.77 9.85
N THR D 101 14.25 14.50 10.05
CA THR D 101 14.06 13.82 11.32
C THR D 101 15.42 13.55 11.97
N ALA D 102 15.37 13.00 13.18
CA ALA D 102 16.60 12.74 13.92
C ALA D 102 17.50 11.77 13.16
N GLY D 103 16.92 10.70 12.59
CA GLY D 103 17.71 9.80 11.79
C GLY D 103 18.31 10.46 10.57
N GLY D 104 17.57 11.39 9.97
CA GLY D 104 18.12 12.12 8.83
C GLY D 104 19.36 12.91 9.16
N VAL D 105 19.45 13.42 10.39
CA VAL D 105 20.63 14.17 10.82
C VAL D 105 21.75 13.22 11.23
N GLU D 106 21.47 12.33 12.18
CA GLU D 106 22.54 11.53 12.78
C GLU D 106 23.13 10.52 11.79
N GLU D 107 22.34 10.04 10.83
CA GLU D 107 22.89 9.10 9.86
C GLU D 107 23.77 9.79 8.83
N ASP D 108 23.54 11.08 8.57
CA ASP D 108 24.43 11.83 7.71
C ASP D 108 25.81 12.01 8.36
N PHE D 109 25.82 12.29 9.66
CA PHE D 109 27.09 12.34 10.40
C PHE D 109 27.76 10.97 10.43
N ILE D 110 27.00 9.93 10.77
CA ILE D 110 27.59 8.60 10.91
C ILE D 110 28.20 8.12 9.60
N LYS D 111 27.53 8.39 8.47
CA LYS D 111 28.06 7.97 7.18
C LYS D 111 29.40 8.61 6.87
N SER D 112 29.69 9.78 7.45
CA SER D 112 30.98 10.43 7.30
C SER D 112 32.03 9.86 8.25
N LEU D 113 31.71 8.82 9.02
CA LEU D 113 32.71 8.12 9.80
C LEU D 113 32.92 6.70 9.30
N LYS D 114 31.85 5.95 9.11
CA LYS D 114 31.89 4.61 8.56
C LYS D 114 30.66 4.43 7.68
N PRO D 115 30.78 3.66 6.61
CA PRO D 115 29.68 3.57 5.65
C PRO D 115 28.66 2.49 6.03
N PHE D 116 27.45 2.67 5.51
CA PHE D 116 26.36 1.68 5.68
C PHE D 116 26.68 0.52 4.72
N ILE D 117 26.27 -0.69 5.09
CA ILE D 117 26.61 -1.91 4.29
C ILE D 117 25.35 -2.48 3.65
N LEU D 118 25.42 -2.76 2.37
CA LEU D 118 24.27 -3.33 1.66
C LEU D 118 24.04 -4.77 2.12
N GLY D 119 22.84 -5.00 2.64
CA GLY D 119 22.40 -6.31 3.18
C GLY D 119 21.42 -7.05 2.30
N ASP D 120 21.00 -8.21 2.79
CA ASP D 120 20.03 -9.13 2.17
C ASP D 120 18.62 -8.53 2.32
N LYS D 131 25.03 -10.56 16.52
CA LYS D 131 26.21 -9.86 16.00
C LYS D 131 25.97 -8.35 16.15
N GLY D 132 24.92 -7.96 16.87
CA GLY D 132 24.59 -6.54 17.05
C GLY D 132 24.66 -5.70 15.78
N VAL D 133 23.89 -6.05 14.75
CA VAL D 133 23.76 -5.27 13.49
C VAL D 133 22.37 -4.63 13.40
N ASN D 134 22.33 -3.35 13.09
CA ASN D 134 21.06 -2.62 12.93
C ASN D 134 20.62 -2.76 11.47
N ARG D 135 19.43 -3.29 11.22
CA ARG D 135 18.96 -3.44 9.86
C ARG D 135 17.91 -2.40 9.53
N ILE D 136 18.11 -1.67 8.44
CA ILE D 136 17.15 -0.73 7.92
C ILE D 136 16.77 -1.24 6.53
N GLY D 137 15.69 -2.02 6.45
CA GLY D 137 15.32 -2.64 5.20
C GLY D 137 16.34 -3.64 4.72
N ASN D 138 16.99 -3.36 3.59
CA ASN D 138 18.09 -4.18 3.10
C ASN D 138 19.44 -3.54 3.35
N ILE D 139 19.52 -2.63 4.31
CA ILE D 139 20.72 -1.86 4.60
C ILE D 139 21.17 -2.21 6.02
N PHE D 140 22.47 -2.46 6.17
CA PHE D 140 23.06 -2.87 7.44
C PHE D 140 23.91 -1.75 8.01
N VAL D 141 23.72 -1.48 9.30
CA VAL D 141 24.54 -0.54 10.05
C VAL D 141 25.18 -1.29 11.21
N PRO D 142 26.41 -1.77 11.04
CA PRO D 142 27.07 -2.52 12.12
C PRO D 142 27.28 -1.66 13.36
N ASN D 143 27.33 -2.32 14.52
CA ASN D 143 27.29 -1.63 15.79
C ASN D 143 28.42 -0.62 15.96
N ASP D 144 29.59 -0.89 15.38
CA ASP D 144 30.72 0.01 15.55
C ASP D 144 30.48 1.37 14.93
N ARG D 145 29.49 1.50 14.03
CA ARG D 145 29.13 2.80 13.51
C ARG D 145 28.63 3.72 14.62
N TYR D 146 27.78 3.20 15.51
CA TYR D 146 27.24 4.00 16.60
C TYR D 146 28.27 4.20 17.70
N ILE D 147 29.14 3.23 17.92
CA ILE D 147 30.24 3.40 18.88
C ILE D 147 31.12 4.56 18.46
N GLU D 148 31.47 4.62 17.18
CA GLU D 148 32.27 5.74 16.67
C GLU D 148 31.52 7.05 16.76
N PHE D 149 30.20 7.02 16.53
CA PHE D 149 29.39 8.24 16.60
C PHE D 149 29.41 8.83 18.00
N GLU D 150 29.43 7.97 19.02
CA GLU D 150 29.44 8.46 20.40
C GLU D 150 30.76 9.15 20.74
N LYS D 151 31.87 8.65 20.19
CA LYS D 151 33.17 9.27 20.44
C LYS D 151 33.19 10.72 19.97
N TYR D 152 32.38 11.06 18.97
CA TYR D 152 32.26 12.44 18.53
C TYR D 152 31.17 13.20 19.24
N MET D 153 30.07 12.53 19.61
CA MET D 153 28.92 13.24 20.15
C MET D 153 29.15 13.66 21.59
N ILE D 154 29.84 12.84 22.39
CA ILE D 154 30.10 13.20 23.79
C ILE D 154 30.88 14.51 23.88
N PRO D 155 32.01 14.69 23.18
CA PRO D 155 32.65 16.02 23.18
C PRO D 155 31.75 17.11 22.62
N PHE D 156 30.91 16.79 21.63
CA PHE D 156 30.02 17.81 21.07
C PHE D 156 29.00 18.28 22.10
N PHE D 157 28.47 17.36 22.91
CA PHE D 157 27.55 17.76 23.96
C PHE D 157 28.20 18.72 24.95
N GLU D 158 29.45 18.43 25.35
CA GLU D 158 30.17 19.34 26.21
C GLU D 158 30.31 20.71 25.58
N ARG D 159 30.55 20.76 24.27
CA ARG D 159 30.65 22.04 23.58
C ARG D 159 29.31 22.77 23.57
N VAL D 160 28.21 22.04 23.35
CA VAL D 160 26.89 22.67 23.31
C VAL D 160 26.56 23.28 24.66
N LEU D 161 26.81 22.53 25.74
CA LEU D 161 26.54 23.05 27.08
C LEU D 161 27.39 24.27 27.37
N LYS D 162 28.65 24.26 26.95
CA LYS D 162 29.52 25.41 27.16
C LYS D 162 29.05 26.61 26.34
N ILE D 163 28.47 26.38 25.16
CA ILE D 163 27.88 27.46 24.39
C ILE D 163 26.67 28.06 25.12
N GLU D 164 25.81 27.19 25.67
CA GLU D 164 24.58 27.67 26.28
C GLU D 164 24.86 28.46 27.56
N GLU D 165 25.85 28.04 28.33
CA GLU D 165 26.26 28.84 29.49
C GLU D 165 26.83 30.19 29.05
N LYS D 166 27.62 30.19 27.98
CA LYS D 166 28.16 31.45 27.47
C LYS D 166 27.05 32.38 27.01
N LEU D 167 26.04 31.85 26.32
CA LEU D 167 24.93 32.66 25.83
C LEU D 167 23.82 32.86 26.86
N SER D 168 23.85 32.11 27.96
CA SER D 168 22.79 32.14 28.97
C SER D 168 21.41 31.89 28.33
N ARG D 169 21.36 30.99 27.37
CA ARG D 169 20.12 30.63 26.71
C ARG D 169 20.29 29.28 26.04
N PRO D 170 19.21 28.56 25.79
CA PRO D 170 19.32 27.27 25.10
C PRO D 170 19.43 27.44 23.59
N LEU D 171 20.14 26.51 22.97
CA LEU D 171 20.15 26.40 21.53
C LEU D 171 18.86 25.74 21.04
N THR D 172 18.29 26.28 19.98
CA THR D 172 17.22 25.57 19.29
C THR D 172 17.81 24.40 18.51
N ALA D 173 16.92 23.55 17.98
CA ALA D 173 17.37 22.33 17.31
C ALA D 173 18.18 22.66 16.05
N SER D 174 17.72 23.65 15.27
CA SER D 174 18.45 24.04 14.07
C SER D 174 19.82 24.61 14.42
N GLU D 175 19.90 25.41 15.49
CA GLU D 175 21.20 25.90 15.96
C GLU D 175 22.10 24.74 16.36
N PHE D 176 21.51 23.73 17.02
CA PHE D 176 22.24 22.53 17.41
C PHE D 176 22.78 21.80 16.18
N ILE D 177 22.00 21.73 15.11
CA ILE D 177 22.45 21.03 13.90
C ILE D 177 23.47 21.87 13.13
N TYR D 178 23.28 23.19 13.08
CA TYR D 178 24.29 24.05 12.50
C TYR D 178 25.63 23.87 13.22
N GLU D 179 25.59 23.91 14.55
CA GLU D 179 26.80 23.65 15.33
C GLU D 179 27.36 22.27 15.06
N MET D 180 26.55 21.34 14.61
CA MET D 180 27.06 20.00 14.38
C MET D 180 27.89 19.96 13.09
N GLY D 181 27.54 20.83 12.14
CA GLY D 181 28.33 20.95 10.92
C GLY D 181 29.68 21.58 11.17
N ARG D 182 29.70 22.68 11.95
CA ARG D 182 30.96 23.28 12.36
C ARG D 182 31.89 22.24 12.98
N TYR D 183 31.33 21.41 13.86
CA TYR D 183 32.11 20.36 14.50
C TYR D 183 32.60 19.34 13.47
N MET D 184 31.76 18.99 12.50
CA MET D 184 32.19 18.12 11.41
C MET D 184 33.37 18.72 10.67
N ASP D 185 33.31 20.03 10.40
CA ASP D 185 34.37 20.71 9.65
C ASP D 185 35.71 20.56 10.37
N GLU D 186 35.72 20.82 11.68
CA GLU D 186 36.98 20.82 12.41
C GLU D 186 37.55 19.42 12.57
N LYS D 187 36.70 18.42 12.84
CA LYS D 187 37.16 17.12 13.31
C LYS D 187 37.29 16.08 12.21
N LEU D 188 36.84 16.35 10.98
CA LEU D 188 36.79 15.35 9.94
C LEU D 188 37.49 15.82 8.68
N GLY D 189 37.94 14.86 7.86
CA GLY D 189 38.66 15.14 6.64
C GLY D 189 37.83 15.10 5.37
N LYS D 190 38.32 14.37 4.35
CA LYS D 190 37.68 14.42 3.04
C LYS D 190 36.21 14.07 3.12
N GLU D 191 35.87 13.02 3.87
CA GLU D 191 34.57 12.39 3.79
C GLU D 191 33.43 13.28 4.23
N LYS D 192 33.73 14.41 4.88
CA LYS D 192 32.68 15.38 5.19
C LYS D 192 32.13 16.05 3.94
N GLU D 193 32.82 15.97 2.82
CA GLU D 193 32.31 16.67 1.65
C GLU D 193 31.26 15.90 0.88
N LYS D 194 30.91 14.69 1.33
CA LYS D 194 29.70 14.01 0.91
C LYS D 194 28.55 14.18 1.90
N SER D 195 28.70 15.07 2.89
CA SER D 195 27.77 15.16 4.01
C SER D 195 26.77 16.31 3.84
N VAL D 196 25.51 16.03 4.17
CA VAL D 196 24.45 17.03 4.10
C VAL D 196 24.65 18.11 5.16
N ILE D 197 24.95 17.68 6.40
CA ILE D 197 25.11 18.63 7.49
C ILE D 197 26.29 19.55 7.22
N TYR D 198 27.41 18.99 6.74
CA TYR D 198 28.57 19.81 6.43
C TYR D 198 28.23 20.90 5.43
N TRP D 199 27.60 20.52 4.31
CA TRP D 199 27.32 21.51 3.27
C TRP D 199 26.23 22.49 3.70
N ALA D 200 25.31 22.05 4.55
CA ALA D 200 24.30 22.97 5.07
C ALA D 200 24.95 24.02 5.97
N TYR D 201 25.93 23.62 6.78
CA TYR D 201 26.67 24.58 7.58
C TYR D 201 27.51 25.49 6.70
N LYS D 202 28.22 24.92 5.71
CA LYS D 202 29.09 25.73 4.87
C LYS D 202 28.29 26.77 4.08
N ASN D 203 27.08 26.42 3.66
CA ASN D 203 26.25 27.31 2.86
C ASN D 203 25.21 28.06 3.69
N ASN D 204 25.27 27.93 5.01
CA ASN D 204 24.30 28.58 5.92
C ASN D 204 22.86 28.25 5.52
N ILE D 205 22.62 26.98 5.24
CA ILE D 205 21.27 26.48 4.99
C ILE D 205 20.75 25.87 6.29
N PRO D 206 19.67 26.38 6.87
CA PRO D 206 19.19 25.83 8.15
C PRO D 206 18.56 24.46 7.98
N ILE D 207 18.87 23.58 8.92
CA ILE D 207 18.22 22.27 9.03
C ILE D 207 17.37 22.28 10.28
N PHE D 208 16.06 22.17 10.10
CA PHE D 208 15.14 22.07 11.22
C PHE D 208 14.83 20.61 11.51
N CYS D 209 14.77 20.29 12.81
CA CYS D 209 14.47 18.92 13.26
C CYS D 209 13.90 19.00 14.66
N PRO D 210 12.61 19.32 14.78
CA PRO D 210 12.02 19.52 16.13
C PRO D 210 11.92 18.25 16.96
N ALA D 211 12.28 17.09 16.43
CA ALA D 211 12.38 15.88 17.24
C ALA D 211 13.80 15.31 17.16
N ILE D 212 14.80 16.17 17.31
CA ILE D 212 16.20 15.80 17.11
C ILE D 212 16.68 14.75 18.12
N THR D 213 15.99 14.62 19.26
CA THR D 213 16.41 13.69 20.29
C THR D 213 15.79 12.31 20.13
N ASP D 214 15.11 12.05 19.02
CA ASP D 214 14.32 10.83 18.87
C ASP D 214 15.16 9.58 18.62
N GLY D 215 16.42 9.71 18.25
CA GLY D 215 17.19 8.53 17.88
C GLY D 215 18.53 8.37 18.57
N SER D 216 19.60 8.19 17.78
CA SER D 216 20.91 7.92 18.35
C SER D 216 21.47 9.13 19.08
N ILE D 217 21.26 10.34 18.53
CA ILE D 217 21.67 11.54 19.25
C ILE D 217 20.99 11.59 20.61
N GLY D 218 19.71 11.23 20.67
CA GLY D 218 19.03 11.14 21.95
C GLY D 218 19.60 10.07 22.85
N ASP D 219 19.99 8.92 22.28
CA ASP D 219 20.48 7.81 23.09
C ASP D 219 21.76 8.20 23.82
N MET D 220 22.67 8.84 23.12
CA MET D 220 23.95 9.19 23.71
C MET D 220 23.83 10.40 24.58
N LEU D 221 22.90 11.29 24.23
CA LEU D 221 22.52 12.37 25.14
C LEU D 221 22.02 11.79 26.44
N TYR D 222 21.21 10.72 26.37
CA TYR D 222 20.77 10.04 27.58
C TYR D 222 21.94 9.54 28.39
N PHE D 223 22.90 8.90 27.72
CA PHE D 223 24.11 8.46 28.41
C PHE D 223 24.90 9.65 28.95
N PHE D 224 24.97 10.73 28.17
CA PHE D 224 25.68 11.92 28.62
C PHE D 224 25.07 12.51 29.88
N LYS D 225 23.73 12.57 29.95
CA LYS D 225 23.06 13.20 31.08
C LYS D 225 23.07 12.31 32.31
N GLU D 226 22.88 11.00 32.15
CA GLU D 226 23.00 10.08 33.28
C GLU D 226 24.41 10.11 33.85
N GLU D 227 25.40 10.16 32.95
CA GLU D 227 26.81 10.08 33.30
C GLU D 227 27.26 11.30 34.08
N ARG D 228 26.69 12.46 33.79
CA ARG D 228 27.09 13.72 34.42
C ARG D 228 25.96 14.33 35.25
N ARG D 229 24.91 13.55 35.55
CA ARG D 229 23.74 14.03 36.29
C ARG D 229 23.29 15.40 35.79
N ASP D 230 23.24 15.54 34.48
CA ASP D 230 23.02 16.83 33.84
C ASP D 230 21.55 17.01 33.49
N SER D 231 21.02 18.18 33.85
CA SER D 231 19.74 18.66 33.34
C SER D 231 19.87 20.05 32.73
N ARG D 232 21.09 20.56 32.55
CA ARG D 232 21.32 21.90 32.03
C ARG D 232 21.45 21.95 30.51
N LEU D 233 21.86 20.85 29.87
CA LEU D 233 21.88 20.83 28.41
C LEU D 233 20.44 20.81 27.91
N ILE D 234 20.00 21.94 27.38
CA ILE D 234 18.62 22.15 26.94
C ILE D 234 18.59 22.23 25.43
N ILE D 235 17.60 21.60 24.82
CA ILE D 235 17.35 21.74 23.40
C ILE D 235 15.95 22.30 23.27
N ASP D 236 15.85 23.53 22.80
CA ASP D 236 14.58 24.22 22.68
C ASP D 236 14.00 24.00 21.30
N ILE D 237 12.68 23.85 21.24
CA ILE D 237 11.96 23.80 19.97
C ILE D 237 10.96 24.93 19.81
N ALA D 238 10.70 25.69 20.88
CA ALA D 238 9.70 26.75 20.81
C ALA D 238 10.14 27.90 19.93
N ASN D 239 11.45 28.17 19.86
CA ASN D 239 11.92 29.31 19.09
C ASN D 239 12.18 28.98 17.61
N ASP D 240 12.42 27.71 17.25
CA ASP D 240 12.54 27.38 15.82
C ASP D 240 11.25 27.55 15.05
N ILE D 241 10.10 27.56 15.70
CA ILE D 241 8.88 27.77 14.90
C ILE D 241 8.83 29.18 14.35
N VAL D 242 9.33 30.16 15.12
CA VAL D 242 9.43 31.53 14.61
C VAL D 242 10.38 31.58 13.43
N LYS D 243 11.55 30.96 13.58
CA LYS D 243 12.55 30.96 12.53
C LYS D 243 12.04 30.30 11.25
N LEU D 244 11.45 29.10 11.39
CA LEU D 244 10.97 28.37 10.22
C LEU D 244 9.76 29.05 9.60
N ASN D 245 8.79 29.46 10.42
CA ASN D 245 7.60 30.12 9.89
C ASN D 245 7.95 31.43 9.20
N ASN D 246 8.89 32.20 9.76
CA ASN D 246 9.27 33.45 9.12
C ASN D 246 9.97 33.20 7.78
N LEU D 247 10.68 32.09 7.64
CA LEU D 247 11.29 31.77 6.36
C LEU D 247 10.24 31.54 5.27
N ALA D 248 9.08 31.01 5.64
CA ALA D 248 8.00 30.87 4.67
C ALA D 248 7.33 32.19 4.38
N ILE D 249 7.13 33.03 5.41
CA ILE D 249 6.38 34.27 5.22
C ILE D 249 7.19 35.28 4.41
N THR D 250 8.49 35.38 4.66
CA THR D 250 9.29 36.49 4.12
C THR D 250 9.66 36.32 2.65
N ALA D 251 9.45 35.16 2.05
CA ALA D 251 9.83 34.93 0.66
C ALA D 251 8.70 35.33 -0.29
N LYS D 252 9.07 35.71 -1.52
CA LYS D 252 8.04 36.01 -2.52
C LYS D 252 7.34 34.73 -2.97
N GLU D 253 8.13 33.70 -3.30
CA GLU D 253 7.59 32.41 -3.72
C GLU D 253 8.32 31.32 -2.94
N THR D 254 7.60 30.24 -2.68
CA THR D 254 8.20 29.06 -2.07
C THR D 254 7.93 27.85 -2.96
N ALA D 255 8.89 26.93 -2.94
CA ALA D 255 8.75 25.61 -3.55
C ALA D 255 8.97 24.56 -2.48
N SER D 256 8.14 23.53 -2.50
CA SER D 256 8.18 22.45 -1.52
C SER D 256 8.53 21.15 -2.21
N ILE D 257 9.67 20.57 -1.86
CA ILE D 257 10.08 19.27 -2.36
C ILE D 257 10.20 18.37 -1.14
N ILE D 258 9.34 17.36 -1.07
CA ILE D 258 9.16 16.57 0.15
C ILE D 258 9.23 15.10 -0.20
N LEU D 259 10.17 14.41 0.42
CA LEU D 259 10.34 12.96 0.26
C LEU D 259 9.81 12.26 1.52
N GLY D 260 8.78 11.44 1.36
CA GLY D 260 8.16 10.73 2.49
C GLY D 260 7.15 11.60 3.23
N GLY D 261 6.72 11.12 4.39
CA GLY D 261 5.71 11.86 5.14
C GLY D 261 6.26 12.31 6.46
N SER D 262 5.53 12.02 7.52
CA SER D 262 5.94 12.31 8.92
C SER D 262 6.10 13.79 9.20
N LEU D 263 6.99 14.09 10.14
CA LEU D 263 7.23 15.46 10.67
C LEU D 263 7.66 16.45 9.60
N PRO D 264 8.62 16.14 8.71
CA PRO D 264 9.08 17.13 7.73
C PRO D 264 7.99 17.57 6.77
N LYS D 265 7.19 16.63 6.27
CA LYS D 265 6.11 17.00 5.34
C LYS D 265 5.13 17.92 6.08
N HIS D 266 4.79 17.58 7.31
CA HIS D 266 3.84 18.39 8.10
C HIS D 266 4.40 19.78 8.40
N ALA D 267 5.66 19.87 8.82
CA ALA D 267 6.28 21.14 9.19
C ALA D 267 6.36 22.08 7.99
N ILE D 268 6.79 21.56 6.84
CA ILE D 268 6.92 22.40 5.63
C ILE D 268 5.56 22.88 5.16
N ILE D 269 4.58 21.98 5.11
CA ILE D 269 3.22 22.39 4.74
C ILE D 269 2.65 23.37 5.74
N ASN D 270 2.83 23.08 7.05
CA ASN D 270 2.28 23.96 8.07
C ASN D 270 2.95 25.33 8.05
N ALA D 271 4.27 25.38 7.86
CA ALA D 271 4.96 26.66 7.78
C ALA D 271 4.43 27.50 6.63
N ASN D 272 4.07 26.85 5.51
CA ASN D 272 3.62 27.55 4.31
C ASN D 272 2.15 27.95 4.36
N LEU D 273 1.39 27.55 5.38
CA LEU D 273 0.03 28.08 5.50
C LEU D 273 0.06 29.57 5.83
N PHE D 274 1.10 30.03 6.51
CA PHE D 274 1.18 31.43 6.91
C PHE D 274 1.32 32.38 5.71
N ARG D 275 1.63 31.85 4.53
CA ARG D 275 1.65 32.63 3.30
C ARG D 275 0.54 32.21 2.33
N GLY D 276 -0.41 31.39 2.78
CA GLY D 276 -1.46 30.91 1.91
C GLY D 276 -1.13 29.67 1.11
N GLY D 277 -0.06 28.96 1.45
CA GLY D 277 0.33 27.77 0.75
C GLY D 277 1.58 27.99 -0.09
N THR D 278 2.30 26.90 -0.34
CA THR D 278 3.47 26.99 -1.19
C THR D 278 3.03 27.20 -2.64
N ASP D 279 3.96 27.67 -3.46
CA ASP D 279 3.65 27.98 -4.85
C ASP D 279 3.98 26.84 -5.81
N TYR D 280 4.93 25.98 -5.44
CA TYR D 280 5.24 24.78 -6.19
C TYR D 280 5.42 23.65 -5.19
N ALA D 281 4.90 22.47 -5.53
CA ALA D 281 5.01 21.32 -4.64
C ALA D 281 5.34 20.06 -5.44
N ILE D 282 6.37 19.34 -5.01
CA ILE D 282 6.68 18.01 -5.51
C ILE D 282 6.77 17.08 -4.30
N TYR D 283 5.86 16.12 -4.22
CA TYR D 283 5.86 15.14 -3.14
C TYR D 283 6.17 13.77 -3.72
N ILE D 284 7.10 13.06 -3.10
CA ILE D 284 7.43 11.69 -3.47
C ILE D 284 7.27 10.84 -2.21
N SER D 285 6.38 9.86 -2.26
CA SER D 285 6.08 9.06 -1.08
C SER D 285 5.46 7.74 -1.51
N THR D 286 5.55 6.75 -0.62
CA THR D 286 4.87 5.47 -0.80
C THR D 286 3.55 5.39 -0.03
N ALA D 287 3.21 6.42 0.74
CA ALA D 287 1.99 6.39 1.54
C ALA D 287 0.77 6.74 0.69
N VAL D 288 -0.40 6.39 1.21
CA VAL D 288 -1.68 6.64 0.55
C VAL D 288 -2.60 7.33 1.52
N PRO D 289 -3.62 8.06 1.03
CA PRO D 289 -4.43 8.87 1.94
C PRO D 289 -5.48 8.13 2.74
N TRP D 290 -5.85 6.89 2.38
CA TRP D 290 -7.08 6.29 2.89
C TRP D 290 -6.99 5.89 4.36
N ASP D 291 -5.82 5.97 4.98
CA ASP D 291 -5.76 5.95 6.44
C ASP D 291 -6.02 7.33 7.04
N GLY D 292 -6.14 8.36 6.21
CA GLY D 292 -6.38 9.72 6.63
C GLY D 292 -5.15 10.51 7.00
N SER D 293 -3.95 10.03 6.66
CA SER D 293 -2.73 10.51 7.29
C SER D 293 -2.10 11.67 6.54
N LEU D 294 -1.24 12.40 7.27
CA LEU D 294 -0.43 13.44 6.66
C LEU D 294 0.41 12.87 5.53
N SER D 295 1.13 11.77 5.81
CA SER D 295 2.01 11.17 4.82
C SER D 295 1.29 10.87 3.51
N GLY D 296 -0.01 10.57 3.59
CA GLY D 296 -0.82 10.32 2.41
C GLY D 296 -1.55 11.51 1.84
N ALA D 297 -1.45 12.69 2.47
CA ALA D 297 -2.22 13.85 2.01
C ALA D 297 -1.70 14.34 0.66
N PRO D 298 -2.59 14.77 -0.23
CA PRO D 298 -2.18 15.11 -1.61
C PRO D 298 -1.52 16.49 -1.66
N PRO D 299 -0.84 16.82 -2.78
CA PRO D 299 0.02 18.01 -2.82
C PRO D 299 -0.71 19.35 -2.72
N ARG D 300 -2.02 19.38 -2.61
CA ARG D 300 -2.73 20.65 -2.48
C ARG D 300 -3.36 20.80 -1.10
N ALA D 312 -0.89 23.98 -11.95
CA ALA D 312 -0.10 22.97 -12.65
C ALA D 312 1.28 22.84 -12.01
N ASP D 313 1.45 23.44 -10.84
CA ASP D 313 2.72 23.44 -10.12
C ASP D 313 2.71 22.53 -8.90
N TYR D 314 1.78 21.58 -8.83
CA TYR D 314 1.67 20.66 -7.71
C TYR D 314 1.52 19.24 -8.24
N VAL D 315 2.34 18.32 -7.71
CA VAL D 315 2.33 16.95 -8.18
C VAL D 315 2.85 16.04 -7.08
N GLU D 316 2.28 14.84 -7.02
CA GLU D 316 2.79 13.77 -6.16
C GLU D 316 3.21 12.61 -7.04
N VAL D 317 4.39 12.06 -6.78
CA VAL D 317 4.84 10.85 -7.45
C VAL D 317 4.81 9.73 -6.42
N TRP D 318 3.99 8.71 -6.68
CA TRP D 318 3.86 7.60 -5.74
C TRP D 318 4.93 6.56 -6.04
N GLY D 319 5.80 6.33 -5.08
CA GLY D 319 6.81 5.30 -5.22
C GLY D 319 7.98 5.54 -4.28
N ASP D 320 8.89 4.57 -4.31
CA ASP D 320 10.12 4.64 -3.53
C ASP D 320 11.03 5.74 -4.08
N ALA D 321 11.43 6.67 -3.21
CA ALA D 321 12.26 7.78 -3.63
C ALA D 321 13.64 7.34 -4.13
N THR D 322 14.14 6.19 -3.70
CA THR D 322 15.42 5.72 -4.24
C THR D 322 15.31 5.36 -5.72
N LEU D 323 14.11 5.04 -6.21
CA LEU D 323 13.91 4.86 -7.65
C LEU D 323 13.67 6.19 -8.35
N ILE D 324 12.90 7.07 -7.73
CA ILE D 324 12.37 8.25 -8.41
C ILE D 324 13.35 9.43 -8.34
N PHE D 325 13.87 9.71 -7.15
CA PHE D 325 14.62 10.96 -6.94
C PHE D 325 15.83 11.10 -7.85
N PRO D 326 16.71 10.09 -8.01
CA PRO D 326 17.87 10.30 -8.91
C PRO D 326 17.48 10.63 -10.33
N ILE D 327 16.43 9.99 -10.87
CA ILE D 327 15.94 10.35 -12.20
C ILE D 327 15.51 11.81 -12.21
N LEU D 328 14.73 12.21 -11.20
CA LEU D 328 14.18 13.55 -11.17
C LEU D 328 15.28 14.60 -11.10
N VAL D 329 16.24 14.42 -10.19
CA VAL D 329 17.28 15.42 -10.01
C VAL D 329 18.15 15.52 -11.26
N TRP D 330 18.52 14.37 -11.84
CA TRP D 330 19.36 14.41 -13.04
C TRP D 330 18.67 15.14 -14.18
N MET D 331 17.40 14.83 -14.43
CA MET D 331 16.69 15.46 -15.52
C MET D 331 16.46 16.95 -15.28
N VAL D 332 16.42 17.38 -14.01
CA VAL D 332 16.25 18.79 -13.69
C VAL D 332 17.59 19.52 -13.74
N MET D 333 18.63 18.94 -13.15
CA MET D 333 19.89 19.64 -12.96
C MET D 333 20.96 19.30 -14.00
N LYS D 334 20.84 18.21 -14.74
CA LYS D 334 21.97 17.91 -15.65
C LYS D 334 21.55 17.39 -17.02
N ALA D 335 20.27 17.33 -17.37
CA ALA D 335 19.90 16.69 -18.65
C ALA D 335 20.45 17.42 -19.88
N ARG D 336 20.32 18.74 -19.97
CA ARG D 336 20.82 19.42 -21.18
C ARG D 336 22.00 20.35 -20.82
PA NAD E . 1.25 10.69 9.75
O1A NAD E . 0.01 11.36 9.26
O2A NAD E . 2.56 11.10 9.17
O5B NAD E . 1.09 9.10 9.60
C5B NAD E . 2.23 8.24 9.81
C4B NAD E . 1.86 6.82 9.46
O4B NAD E . 0.82 6.37 10.35
C3B NAD E . 1.23 6.61 8.08
O3B NAD E . 2.19 6.65 7.03
C2B NAD E . 0.57 5.24 8.28
O2B NAD E . 1.50 4.20 8.13
C1B NAD E . 0.11 5.31 9.74
N9A NAD E . -1.33 5.56 9.89
C8A NAD E . -1.99 6.75 9.73
N7A NAD E . -3.27 6.66 9.93
C5A NAD E . -3.48 5.33 10.27
C6A NAD E . -4.65 4.60 10.60
N6A NAD E . -5.86 5.13 10.66
N1A NAD E . -4.49 3.29 10.89
C2A NAD E . -3.26 2.75 10.83
N3A NAD E . -2.11 3.34 10.52
C4A NAD E . -2.29 4.64 10.25
O3 NAD E . 1.32 10.87 11.34
PN NAD E . 1.78 12.11 12.24
O1N NAD E . 3.17 11.85 12.72
O2N NAD E . 0.71 12.42 13.25
O5D NAD E . 1.83 13.27 11.14
C5D NAD E . 3.01 14.09 11.05
C4D NAD E . 2.85 15.36 11.86
O4D NAD E . 1.57 15.97 11.58
C3D NAD E . 2.92 15.25 13.38
O3D NAD E . 4.01 16.04 13.86
C2D NAD E . 1.56 15.83 13.82
O2D NAD E . 1.54 16.47 15.08
C1D NAD E . 1.23 16.79 12.68
N1N NAD E . -0.22 17.11 12.63
C2N NAD E . -1.09 16.33 11.91
C3N NAD E . -2.44 16.63 11.87
C7N NAD E . -3.39 15.73 11.11
O7N NAD E . -2.92 14.87 10.36
N7N NAD E . -4.68 15.89 11.31
C4N NAD E . -2.90 17.78 12.52
C5N NAD E . -2.02 18.55 13.25
C6N NAD E . -0.70 18.19 13.31
PA NAD F . 8.56 7.33 8.88
O1A NAD F . 9.04 5.97 9.26
O2A NAD F . 7.57 8.00 9.77
O5B NAD F . 7.99 7.29 7.39
C5B NAD F . 6.86 8.14 7.03
C4B NAD F . 6.48 7.87 5.60
O4B NAD F . 7.67 7.90 4.78
C3B NAD F . 5.87 6.50 5.27
O3B NAD F . 4.48 6.43 5.54
C2B NAD F . 6.22 6.30 3.80
O2B NAD F . 5.14 6.57 2.93
C1B NAD F . 7.35 7.31 3.55
N9A NAD F . 8.56 6.70 3.00
C8A NAD F . 9.47 5.93 3.68
N7A NAD F . 10.47 5.53 2.94
C5A NAD F . 10.22 6.09 1.69
C6A NAD F . 10.93 6.04 0.47
N6A NAD F . 12.06 5.37 0.31
N1A NAD F . 10.40 6.71 -0.57
C2A NAD F . 9.25 7.38 -0.40
N3A NAD F . 8.51 7.50 0.69
C4A NAD F . 9.06 6.82 1.72
O3 NAD F . 9.85 8.28 8.75
PN NAD F . 10.77 8.90 9.91
O1N NAD F . 10.02 10.03 10.54
O2N NAD F . 12.15 9.15 9.40
O5D NAD F . 10.81 7.66 10.93
C5D NAD F . 10.39 7.85 12.30
C4D NAD F . 11.57 8.28 13.15
O4D NAD F . 12.69 7.39 12.96
C3D NAD F . 12.13 9.69 12.94
O3D NAD F . 11.82 10.50 14.08
C2D NAD F . 13.63 9.43 12.82
O2D NAD F . 14.46 10.43 13.41
C1D NAD F . 13.81 8.08 13.50
N1N NAD F . 15.08 7.37 13.15
C2N NAD F . 15.12 6.45 12.12
C3N NAD F . 16.27 5.68 11.94
C7N NAD F . 16.27 4.60 10.89
O7N NAD F . 16.15 3.42 11.24
N7N NAD F . 16.45 4.96 9.63
C4N NAD F . 17.38 5.92 12.72
C5N NAD F . 17.35 6.91 13.68
C6N NAD F . 16.19 7.63 13.87
#